data_4GN1
#
_entry.id   4GN1
#
_cell.length_a   75.340
_cell.length_b   93.465
_cell.length_c   80.720
_cell.angle_alpha   90.00
_cell.angle_beta   104.91
_cell.angle_gamma   90.00
#
_symmetry.space_group_name_H-M   'P 1 21 1'
#
loop_
_entity.id
_entity.type
_entity.pdbx_description
1 polymer 'Ras-associated and pleckstrin homology domains-containing protein 1'
2 non-polymer 'MALONATE ION'
3 water water
#
_entity_poly.entity_id   1
_entity_poly.type   'polypeptide(L)'
_entity_poly.pdbx_seq_one_letter_code
;AQVKKLVIRVHMSDDSSKTMMVDERQTVRQVLDNLMDKSHCGYSLDWSLVETVSELQMERIFEDHENLVENLLNWTRDSQ
NKLIFMERIEKYALFKNPQNYLLGKKETAEMADRNKEVLLEECFCGSSVTVPEIEGVLWLKDDGKKSWKKRYFLLRASGI
YYVPKGKAKVSRDLVCFLQLDHVNVYYGQDYRNKYKAPTDYCLVLKHPQIQKKSQYIKYLCCDDVRTLHQWVNGIRIAKY
GKQLYMNYQEALKRT
;
_entity_poly.pdbx_strand_id   A,B,C,D
#
# COMPACT_ATOMS: atom_id res chain seq x y z
N VAL A 3 35.51 -30.07 -15.03
CA VAL A 3 34.38 -29.07 -14.97
C VAL A 3 33.00 -29.72 -14.93
N LYS A 4 32.29 -29.51 -13.83
CA LYS A 4 31.01 -30.18 -13.57
C LYS A 4 29.93 -29.84 -14.60
N LYS A 5 29.20 -30.88 -14.98
CA LYS A 5 28.07 -30.80 -15.89
C LYS A 5 26.77 -30.71 -15.12
N LEU A 6 25.77 -30.04 -15.69
CA LEU A 6 24.42 -30.05 -15.13
C LEU A 6 23.34 -29.99 -16.23
N VAL A 7 22.37 -30.89 -16.13
CA VAL A 7 21.19 -30.88 -16.98
C VAL A 7 20.10 -30.01 -16.36
N ILE A 8 19.78 -28.92 -17.05
CA ILE A 8 18.68 -28.04 -16.66
C ILE A 8 17.43 -28.32 -17.48
N ARG A 9 16.28 -27.94 -16.96
CA ARG A 9 15.03 -28.01 -17.70
C ARG A 9 14.58 -26.60 -18.00
N VAL A 10 14.25 -26.36 -19.27
CA VAL A 10 13.92 -25.04 -19.76
C VAL A 10 12.53 -25.05 -20.38
N HIS A 11 11.68 -24.11 -19.97
CA HIS A 11 10.38 -23.91 -20.60
C HIS A 11 10.45 -23.03 -21.81
N MET A 12 9.95 -23.56 -22.92
CA MET A 12 9.98 -22.82 -24.19
C MET A 12 8.79 -21.91 -24.31
N SER A 13 8.76 -21.22 -25.44
CA SER A 13 7.85 -20.11 -25.66
C SER A 13 6.42 -20.61 -25.74
N ASP A 14 6.24 -21.88 -26.11
CA ASP A 14 4.92 -22.51 -26.24
C ASP A 14 4.58 -23.45 -25.06
N ASP A 15 5.14 -23.16 -23.89
CA ASP A 15 4.82 -23.89 -22.65
C ASP A 15 5.41 -25.32 -22.58
N SER A 16 5.92 -25.83 -23.71
CA SER A 16 6.67 -27.08 -23.70
C SER A 16 8.00 -26.88 -22.99
N SER A 17 8.69 -27.99 -22.73
CA SER A 17 9.93 -27.92 -21.99
C SER A 17 10.97 -28.84 -22.61
N LYS A 18 12.24 -28.50 -22.38
CA LYS A 18 13.35 -29.28 -22.94
C LYS A 18 14.46 -29.36 -21.92
N THR A 19 15.19 -30.47 -21.89
CA THR A 19 16.39 -30.50 -21.05
C THR A 19 17.59 -30.18 -21.88
N MET A 20 18.66 -29.74 -21.24
CA MET A 20 19.90 -29.54 -21.93
C MET A 20 21.01 -29.46 -20.93
N MET A 21 22.19 -29.94 -21.31
CA MET A 21 23.33 -29.93 -20.42
C MET A 21 24.06 -28.58 -20.46
N VAL A 22 24.37 -28.04 -19.28
CA VAL A 22 25.22 -26.86 -19.16
C VAL A 22 26.43 -27.25 -18.28
N ASP A 23 27.49 -26.47 -18.28
CA ASP A 23 28.57 -26.72 -17.36
C ASP A 23 28.86 -25.50 -16.49
N GLU A 24 29.68 -25.69 -15.45
CA GLU A 24 29.82 -24.67 -14.41
C GLU A 24 30.59 -23.44 -14.89
N ARG A 25 31.16 -23.49 -16.07
CA ARG A 25 31.89 -22.31 -16.57
C ARG A 25 31.05 -21.39 -17.47
N GLN A 26 29.87 -21.84 -17.86
CA GLN A 26 29.17 -21.18 -18.96
C GLN A 26 28.45 -19.94 -18.50
N THR A 27 28.49 -18.93 -19.36
CA THR A 27 27.66 -17.75 -19.19
C THR A 27 26.27 -18.07 -19.79
N VAL A 28 25.29 -17.23 -19.44
CA VAL A 28 23.93 -17.30 -20.00
C VAL A 28 23.97 -17.18 -21.53
N ARG A 29 24.84 -16.29 -22.00
CA ARG A 29 25.11 -16.11 -23.44
C ARG A 29 25.44 -17.42 -24.09
N GLN A 30 26.41 -18.14 -23.55
CA GLN A 30 26.76 -19.45 -24.07
C GLN A 30 25.62 -20.47 -24.05
N VAL A 31 24.83 -20.45 -22.99
CA VAL A 31 23.69 -21.33 -22.84
C VAL A 31 22.60 -20.96 -23.84
N LEU A 32 22.32 -19.68 -23.98
CA LEU A 32 21.39 -19.22 -25.02
C LEU A 32 21.83 -19.57 -26.45
N ASP A 33 23.13 -19.45 -26.74
CA ASP A 33 23.61 -19.84 -28.07
C ASP A 33 23.28 -21.30 -28.37
N ASN A 34 23.38 -22.14 -27.34
CA ASN A 34 22.99 -23.53 -27.45
C ASN A 34 21.48 -23.72 -27.60
N LEU A 35 20.70 -23.04 -26.78
CA LEU A 35 19.26 -23.08 -26.95
C LEU A 35 18.83 -22.69 -28.39
N MET A 36 19.42 -21.63 -28.92
CA MET A 36 19.17 -21.24 -30.31
C MET A 36 19.52 -22.33 -31.34
N ASP A 37 20.72 -22.93 -31.24
CA ASP A 37 21.12 -24.04 -32.13
C ASP A 37 20.21 -25.25 -32.06
N LYS A 38 19.87 -25.68 -30.85
CA LYS A 38 19.14 -26.92 -30.73
C LYS A 38 17.66 -26.80 -31.10
N SER A 39 17.14 -25.58 -31.08
CA SER A 39 15.72 -25.37 -31.31
C SER A 39 15.36 -24.90 -32.71
N HIS A 40 16.36 -24.38 -33.42
CA HIS A 40 16.27 -23.86 -34.79
C HIS A 40 15.36 -22.65 -34.89
N CYS A 41 15.35 -21.86 -33.82
CA CYS A 41 14.50 -20.70 -33.71
C CYS A 41 15.02 -19.52 -34.52
N GLY A 42 16.30 -19.56 -34.88
CA GLY A 42 16.95 -18.48 -35.61
C GLY A 42 17.57 -17.49 -34.65
N TYR A 43 18.74 -16.97 -35.00
CA TYR A 43 19.46 -16.02 -34.16
C TYR A 43 18.72 -14.70 -33.90
N SER A 44 19.04 -14.10 -32.76
CA SER A 44 18.56 -12.77 -32.38
C SER A 44 19.05 -12.43 -30.99
N LEU A 45 19.45 -11.18 -30.86
CA LEU A 45 19.94 -10.65 -29.62
C LEU A 45 18.82 -10.62 -28.56
N ASP A 46 17.55 -10.73 -28.99
CA ASP A 46 16.36 -10.70 -28.12
C ASP A 46 15.95 -12.01 -27.43
N TRP A 47 16.52 -13.13 -27.88
CA TRP A 47 16.35 -14.40 -27.15
C TRP A 47 16.93 -14.27 -25.79
N SER A 48 16.16 -14.68 -24.80
CA SER A 48 16.50 -14.42 -23.42
C SER A 48 16.28 -15.64 -22.55
N LEU A 49 16.99 -15.68 -21.45
CA LEU A 49 16.75 -16.69 -20.46
C LEU A 49 16.21 -15.95 -19.26
N VAL A 50 15.06 -16.42 -18.81
CA VAL A 50 14.29 -15.77 -17.78
C VAL A 50 14.14 -16.76 -16.63
N GLU A 51 14.32 -16.30 -15.39
CA GLU A 51 14.01 -17.13 -14.22
C GLU A 51 12.79 -16.60 -13.50
N THR A 52 11.92 -17.48 -13.03
CA THR A 52 10.88 -17.06 -12.11
C THR A 52 11.34 -17.41 -10.69
N VAL A 53 11.01 -16.55 -9.72
CA VAL A 53 11.13 -16.91 -8.32
C VAL A 53 9.73 -17.24 -7.85
N SER A 54 9.50 -18.53 -7.67
CA SER A 54 8.16 -19.08 -7.57
C SER A 54 7.41 -18.70 -6.29
N GLU A 55 8.13 -18.69 -5.16
CA GLU A 55 7.60 -18.26 -3.87
C GLU A 55 7.11 -16.83 -3.83
N LEU A 56 7.58 -16.02 -4.79
CA LEU A 56 7.45 -14.59 -4.73
C LEU A 56 6.82 -14.03 -5.99
N GLN A 57 6.46 -14.92 -6.90
CA GLN A 57 5.71 -14.56 -8.11
C GLN A 57 6.32 -13.37 -8.87
N MET A 58 7.60 -13.50 -9.19
CA MET A 58 8.28 -12.45 -9.93
C MET A 58 9.29 -13.09 -10.90
N GLU A 59 9.92 -12.28 -11.75
CA GLU A 59 10.83 -12.88 -12.71
C GLU A 59 11.89 -11.89 -13.18
N ARG A 60 13.05 -12.39 -13.60
CA ARG A 60 14.02 -11.50 -14.22
C ARG A 60 14.66 -12.14 -15.43
N ILE A 61 15.05 -11.29 -16.37
CA ILE A 61 15.88 -11.72 -17.47
C ILE A 61 17.32 -11.65 -16.98
N PHE A 62 18.01 -12.79 -16.99
CA PHE A 62 19.43 -12.84 -16.64
C PHE A 62 20.19 -11.93 -17.57
N GLU A 63 21.26 -11.31 -17.08
CA GLU A 63 22.20 -10.69 -18.00
C GLU A 63 23.10 -11.79 -18.58
N ASP A 64 23.49 -11.59 -19.82
CA ASP A 64 24.14 -12.63 -20.62
C ASP A 64 25.53 -13.02 -20.15
N HIS A 65 26.13 -12.15 -19.38
CA HIS A 65 27.44 -12.39 -18.81
C HIS A 65 27.43 -13.22 -17.57
N GLU A 66 26.25 -13.60 -17.10
CA GLU A 66 26.15 -14.21 -15.78
C GLU A 66 26.41 -15.70 -15.88
N ASN A 67 27.10 -16.22 -14.88
CA ASN A 67 27.31 -17.64 -14.76
C ASN A 67 25.97 -18.27 -14.36
N LEU A 68 25.42 -19.10 -15.23
CA LEU A 68 24.13 -19.73 -14.95
C LEU A 68 24.15 -20.62 -13.71
N VAL A 69 25.12 -21.53 -13.68
CA VAL A 69 25.18 -22.53 -12.64
C VAL A 69 25.25 -21.85 -11.30
N GLU A 70 26.09 -20.82 -11.19
CA GLU A 70 26.24 -20.05 -9.95
C GLU A 70 24.94 -19.42 -9.48
N ASN A 71 24.12 -18.97 -10.41
CA ASN A 71 22.86 -18.41 -10.02
C ASN A 71 21.89 -19.47 -9.54
N LEU A 72 21.95 -20.64 -10.16
CA LEU A 72 21.05 -21.72 -9.86
C LEU A 72 21.31 -22.29 -8.47
N LEU A 73 22.57 -22.28 -8.03
CA LEU A 73 22.90 -22.71 -6.68
C LEU A 73 22.18 -21.87 -5.59
N ASN A 74 21.79 -20.64 -5.93
CA ASN A 74 20.92 -19.87 -5.05
C ASN A 74 19.52 -20.43 -4.84
N TRP A 75 19.10 -21.37 -5.64
CA TRP A 75 17.75 -21.90 -5.52
C TRP A 75 17.65 -22.79 -4.32
N THR A 76 16.47 -22.93 -3.73
CA THR A 76 16.34 -23.93 -2.65
C THR A 76 16.35 -25.36 -3.24
N ARG A 77 16.70 -26.32 -2.40
CA ARG A 77 16.67 -27.74 -2.80
C ARG A 77 15.35 -28.11 -3.54
N ASP A 78 14.23 -27.66 -2.95
CA ASP A 78 12.87 -27.92 -3.42
C ASP A 78 12.27 -26.75 -4.22
N SER A 79 13.14 -25.97 -4.87
CA SER A 79 12.69 -24.80 -5.62
C SER A 79 11.72 -25.18 -6.73
N GLN A 80 10.67 -24.38 -6.88
CA GLN A 80 9.74 -24.52 -7.98
C GLN A 80 9.97 -23.39 -8.98
N ASN A 81 11.12 -22.73 -8.86
CA ASN A 81 11.58 -21.76 -9.84
C ASN A 81 11.66 -22.39 -11.24
N LYS A 82 11.37 -21.60 -12.26
CA LYS A 82 11.47 -22.07 -13.64
C LYS A 82 12.48 -21.26 -14.43
N LEU A 83 13.06 -21.90 -15.44
CA LEU A 83 13.85 -21.23 -16.42
C LEU A 83 12.97 -21.15 -17.65
N ILE A 84 13.02 -20.00 -18.33
CA ILE A 84 12.21 -19.80 -19.50
C ILE A 84 13.03 -19.18 -20.63
N PHE A 85 12.97 -19.83 -21.79
CA PHE A 85 13.63 -19.39 -22.98
C PHE A 85 12.60 -18.75 -23.90
N MET A 86 12.67 -17.44 -24.04
CA MET A 86 11.71 -16.64 -24.86
C MET A 86 12.36 -15.34 -25.32
N GLU A 87 11.83 -14.77 -26.38
CA GLU A 87 12.24 -13.46 -26.83
C GLU A 87 11.74 -12.43 -25.85
N ARG A 88 12.63 -11.59 -25.36
CA ARG A 88 12.21 -10.45 -24.54
C ARG A 88 12.76 -9.17 -25.13
N ILE A 89 11.88 -8.28 -25.58
CA ILE A 89 12.40 -6.99 -26.13
C ILE A 89 13.00 -6.12 -25.03
N GLU A 90 12.46 -6.23 -23.81
CA GLU A 90 12.99 -5.49 -22.68
C GLU A 90 14.52 -5.59 -22.53
N LYS A 91 15.12 -6.72 -22.95
CA LYS A 91 16.55 -6.94 -22.63
C LYS A 91 17.49 -5.89 -23.24
N TYR A 92 17.33 -5.63 -24.53
CA TYR A 92 18.18 -4.63 -25.16
C TYR A 92 17.45 -3.39 -25.67
N ALA A 93 16.23 -3.17 -25.18
CA ALA A 93 15.45 -2.00 -25.60
C ALA A 93 16.34 -0.76 -25.43
N LEU A 94 16.76 -0.53 -24.18
CA LEU A 94 17.68 0.53 -23.82
C LEU A 94 18.82 0.80 -24.83
N PHE A 95 19.34 -0.25 -25.45
CA PHE A 95 20.46 -0.08 -26.36
C PHE A 95 20.02 0.24 -27.77
N LYS A 96 18.88 -0.32 -28.18
CA LYS A 96 18.26 -0.04 -29.46
C LYS A 96 17.83 1.43 -29.58
N ASN A 97 17.26 1.97 -28.48
CA ASN A 97 16.81 3.37 -28.40
C ASN A 97 17.23 4.11 -27.11
N PRO A 98 18.54 4.36 -26.93
CA PRO A 98 19.10 4.99 -25.71
C PRO A 98 18.58 6.41 -25.44
N GLN A 99 18.24 7.14 -26.50
CA GLN A 99 17.67 8.49 -26.36
C GLN A 99 16.41 8.45 -25.48
N ASN A 100 15.83 7.26 -25.34
CA ASN A 100 14.65 7.10 -24.51
C ASN A 100 14.90 6.75 -23.05
N TYR A 101 16.16 6.54 -22.69
CA TYR A 101 16.48 6.18 -21.32
C TYR A 101 17.54 7.06 -20.73
N LEU A 102 18.54 7.41 -21.55
CA LEU A 102 19.75 8.13 -21.11
C LEU A 102 19.62 9.66 -21.18
N LEU A 103 18.57 10.13 -21.85
CA LEU A 103 18.04 11.46 -21.65
C LEU A 103 16.62 11.12 -21.29
N GLY A 104 16.08 11.84 -20.31
CA GLY A 104 14.77 11.53 -19.79
C GLY A 104 14.31 12.72 -19.01
N LYS A 105 13.34 13.48 -19.54
CA LYS A 105 12.70 13.22 -20.85
C LYS A 105 11.97 11.91 -20.99
N LYS A 106 10.92 11.78 -20.18
CA LYS A 106 9.98 10.68 -20.30
C LYS A 106 9.46 10.66 -21.74
N GLU A 107 9.32 11.87 -22.29
CA GLU A 107 9.04 12.12 -23.70
C GLU A 107 9.84 11.18 -24.61
N THR A 108 9.13 10.52 -25.53
CA THR A 108 9.69 9.44 -26.35
C THR A 108 9.95 9.88 -27.81
N ALA A 109 11.06 9.44 -28.40
CA ALA A 109 11.48 9.99 -29.69
C ALA A 109 12.47 9.13 -30.45
N GLU A 110 12.60 9.44 -31.74
CA GLU A 110 13.61 8.85 -32.62
C GLU A 110 15.00 9.43 -32.40
N MET A 111 16.00 8.77 -32.94
CA MET A 111 17.36 9.29 -33.03
C MET A 111 18.06 8.53 -34.14
N ALA A 112 18.92 9.21 -34.89
CA ALA A 112 19.74 8.58 -35.91
C ALA A 112 20.71 7.56 -35.28
N ASP A 113 20.88 6.42 -35.96
CA ASP A 113 21.73 5.31 -35.50
C ASP A 113 23.10 5.77 -35.02
N ARG A 114 23.77 6.55 -35.85
CA ARG A 114 25.10 7.01 -35.52
C ARG A 114 25.15 7.80 -34.21
N ASN A 115 24.08 8.50 -33.90
CA ASN A 115 23.99 9.28 -32.67
C ASN A 115 23.61 8.44 -31.44
N LYS A 116 22.80 7.39 -31.65
CA LYS A 116 22.65 6.34 -30.65
C LYS A 116 24.03 5.78 -30.24
N GLU A 117 24.86 5.45 -31.23
CA GLU A 117 26.22 4.93 -31.03
C GLU A 117 27.04 5.91 -30.15
N VAL A 118 27.13 7.17 -30.58
CA VAL A 118 27.84 8.18 -29.82
C VAL A 118 27.31 8.25 -28.39
N LEU A 119 26.00 8.28 -28.24
CA LEU A 119 25.38 8.43 -26.94
C LEU A 119 25.72 7.29 -25.96
N LEU A 120 25.85 6.06 -26.47
CA LEU A 120 26.18 4.91 -25.60
C LEU A 120 27.66 4.94 -25.27
N GLU A 121 28.47 5.33 -26.23
CA GLU A 121 29.89 5.52 -25.96
C GLU A 121 30.11 6.52 -24.83
N GLU A 122 29.48 7.70 -24.93
CA GLU A 122 29.56 8.71 -23.89
C GLU A 122 29.14 8.21 -22.50
N CYS A 123 28.11 7.38 -22.42
CA CYS A 123 27.57 6.91 -21.14
CA CYS A 123 27.62 6.97 -21.11
C CYS A 123 28.36 5.75 -20.55
N PHE A 124 28.76 4.82 -21.42
CA PHE A 124 29.34 3.55 -20.96
C PHE A 124 30.86 3.42 -21.09
N CYS A 125 31.47 4.13 -22.04
CA CYS A 125 32.86 3.82 -22.40
C CYS A 125 33.94 4.75 -21.84
N GLY A 126 33.55 5.73 -21.03
CA GLY A 126 34.55 6.64 -20.43
C GLY A 126 35.34 5.85 -19.39
N SER A 127 36.03 6.55 -18.51
CA SER A 127 36.72 5.86 -17.43
C SER A 127 35.70 5.25 -16.47
N SER A 128 34.55 5.92 -16.33
CA SER A 128 33.42 5.36 -15.58
C SER A 128 32.09 5.60 -16.30
N VAL A 129 31.10 4.82 -15.90
CA VAL A 129 29.73 4.95 -16.39
C VAL A 129 29.12 6.27 -15.93
N THR A 130 28.60 7.05 -16.87
CA THR A 130 27.92 8.30 -16.51
C THR A 130 26.40 8.19 -16.72
N VAL A 131 25.74 7.50 -15.79
CA VAL A 131 24.28 7.42 -15.70
C VAL A 131 23.63 8.78 -15.45
N PRO A 132 22.62 9.14 -16.27
CA PRO A 132 21.77 10.24 -15.79
C PRO A 132 20.79 9.72 -14.74
N GLU A 133 20.55 10.53 -13.71
CA GLU A 133 19.80 10.13 -12.52
C GLU A 133 18.29 10.08 -12.81
N ILE A 134 17.63 9.08 -12.24
CA ILE A 134 16.19 8.96 -12.38
C ILE A 134 15.59 9.43 -11.06
N GLU A 135 14.57 10.25 -11.18
CA GLU A 135 13.86 10.80 -10.03
C GLU A 135 12.40 10.66 -10.36
N GLY A 136 11.58 10.52 -9.33
CA GLY A 136 10.13 10.50 -9.52
C GLY A 136 9.48 9.94 -8.28
N VAL A 137 8.17 10.12 -8.18
CA VAL A 137 7.42 9.53 -7.10
C VAL A 137 7.07 8.10 -7.51
N LEU A 138 7.00 7.21 -6.52
CA LEU A 138 6.70 5.79 -6.75
C LEU A 138 6.01 5.24 -5.52
N TRP A 139 5.30 4.13 -5.67
CA TRP A 139 4.70 3.45 -4.53
C TRP A 139 5.63 2.43 -3.89
N LEU A 140 5.69 2.44 -2.56
CA LEU A 140 6.46 1.48 -1.79
C LEU A 140 5.55 0.66 -0.89
N LYS A 141 5.45 -0.63 -1.15
CA LYS A 141 4.76 -1.54 -0.24
C LYS A 141 5.30 -1.48 1.23
N ASP A 142 4.38 -1.47 2.19
CA ASP A 142 4.72 -1.56 3.61
C ASP A 142 5.34 -2.91 3.92
N ASP A 143 6.29 -2.96 4.86
CA ASP A 143 6.87 -4.25 5.26
C ASP A 143 5.79 -5.25 5.73
N GLY A 144 5.79 -6.44 5.13
CA GLY A 144 4.80 -7.48 5.44
C GLY A 144 3.31 -7.15 5.35
N LYS A 145 2.96 -5.98 4.80
CA LYS A 145 1.54 -5.62 4.61
C LYS A 145 1.15 -5.28 3.16
N LYS A 146 -0.08 -5.61 2.78
CA LYS A 146 -0.63 -5.34 1.45
C LYS A 146 -1.17 -3.92 1.28
N SER A 147 -0.43 -2.95 1.79
CA SER A 147 -0.73 -1.53 1.60
C SER A 147 0.49 -0.80 1.04
N TRP A 148 0.25 0.29 0.30
CA TRP A 148 1.32 1.04 -0.37
C TRP A 148 1.30 2.50 -0.05
N LYS A 149 2.42 3.18 -0.29
CA LYS A 149 2.56 4.61 0.00
C LYS A 149 3.48 5.29 -1.03
N LYS A 150 3.00 6.38 -1.61
CA LYS A 150 3.83 7.21 -2.47
C LYS A 150 5.02 7.78 -1.69
N ARG A 151 6.23 7.58 -2.22
CA ARG A 151 7.45 8.24 -1.75
C ARG A 151 8.22 8.70 -2.97
N TYR A 152 9.01 9.76 -2.82
CA TYR A 152 9.91 10.26 -3.87
C TYR A 152 11.25 9.54 -3.88
N PHE A 153 11.71 9.16 -5.07
CA PHE A 153 12.92 8.31 -5.25
C PHE A 153 13.96 8.94 -6.13
N LEU A 154 15.22 8.59 -5.84
CA LEU A 154 16.36 9.15 -6.53
C LEU A 154 17.48 8.12 -6.69
N LEU A 155 17.79 7.81 -7.95
CA LEU A 155 18.86 6.89 -8.29
C LEU A 155 20.18 7.63 -8.49
N ARG A 156 21.14 7.30 -7.63
CA ARG A 156 22.56 7.69 -7.75
C ARG A 156 23.36 6.44 -8.12
N ALA A 157 24.56 6.64 -8.67
CA ALA A 157 25.49 5.54 -8.93
C ALA A 157 25.76 4.75 -7.66
N SER A 158 25.51 5.39 -6.52
CA SER A 158 25.74 4.76 -5.20
C SER A 158 24.53 3.99 -4.61
N GLY A 159 23.45 3.83 -5.38
CA GLY A 159 22.24 3.09 -4.95
C GLY A 159 20.96 3.89 -5.05
N ILE A 160 19.89 3.33 -4.53
CA ILE A 160 18.62 4.03 -4.53
C ILE A 160 18.50 4.73 -3.18
N TYR A 161 17.95 5.93 -3.22
CA TYR A 161 17.66 6.77 -2.06
C TYR A 161 16.20 7.20 -2.10
N TYR A 162 15.70 7.65 -0.95
CA TYR A 162 14.33 8.09 -0.84
C TYR A 162 14.14 8.94 0.39
N VAL A 163 12.99 9.59 0.44
CA VAL A 163 12.59 10.41 1.55
C VAL A 163 11.50 9.62 2.27
N PRO A 164 11.77 9.20 3.52
CA PRO A 164 10.75 8.49 4.29
C PRO A 164 9.60 9.38 4.81
N LYS A 165 9.79 10.70 4.81
CA LYS A 165 8.77 11.64 5.31
C LYS A 165 7.92 12.19 4.15
N GLY A 166 6.63 11.87 4.13
CA GLY A 166 5.69 12.39 3.11
C GLY A 166 5.77 11.77 1.73
N LYS A 167 5.26 12.50 0.72
CA LYS A 167 5.16 12.04 -0.69
C LYS A 167 5.75 13.03 -1.73
N ALA A 168 6.72 13.84 -1.30
CA ALA A 168 7.28 14.93 -2.12
C ALA A 168 8.83 14.89 -2.23
N LYS A 169 9.36 15.66 -3.17
CA LYS A 169 10.80 15.86 -3.37
C LYS A 169 11.39 16.76 -2.27
N VAL A 170 11.94 16.14 -1.23
CA VAL A 170 12.66 16.89 -0.19
C VAL A 170 14.08 16.33 -0.13
N SER A 171 14.98 16.99 -0.87
CA SER A 171 16.34 16.50 -1.17
C SER A 171 17.25 16.27 0.05
N ARG A 172 17.27 17.21 0.99
CA ARG A 172 18.10 17.08 2.20
C ARG A 172 17.77 15.82 3.02
N ASP A 173 16.52 15.35 2.90
CA ASP A 173 15.99 14.18 3.62
C ASP A 173 16.04 12.88 2.80
N LEU A 174 16.97 12.81 1.85
CA LEU A 174 17.27 11.57 1.13
C LEU A 174 18.16 10.69 2.01
N VAL A 175 17.64 9.51 2.38
CA VAL A 175 18.42 8.48 3.10
C VAL A 175 18.58 7.23 2.22
N CYS A 176 19.59 6.40 2.50
CA CYS A 176 19.76 5.18 1.73
C CYS A 176 18.48 4.35 1.79
N PHE A 177 17.97 3.99 0.61
CA PHE A 177 16.86 3.06 0.49
C PHE A 177 17.42 1.69 0.20
N LEU A 178 18.34 1.58 -0.76
CA LEU A 178 18.95 0.30 -1.08
C LEU A 178 20.21 0.43 -1.93
N GLN A 179 21.34 -0.07 -1.41
CA GLN A 179 22.58 -0.27 -2.18
C GLN A 179 22.41 -1.44 -3.16
N LEU A 180 22.89 -1.28 -4.40
CA LEU A 180 22.60 -2.21 -5.50
C LEU A 180 23.58 -3.39 -5.67
N ASP A 181 24.73 -3.29 -5.04
CA ASP A 181 25.77 -4.32 -5.19
C ASP A 181 25.31 -5.76 -5.09
N HIS A 182 24.40 -6.03 -4.14
CA HIS A 182 23.96 -7.41 -3.87
C HIS A 182 22.47 -7.56 -3.94
N VAL A 183 21.83 -6.78 -4.82
CA VAL A 183 20.44 -7.02 -5.18
C VAL A 183 20.27 -7.12 -6.69
N ASN A 184 19.47 -8.10 -7.10
CA ASN A 184 18.99 -8.19 -8.44
C ASN A 184 17.66 -7.45 -8.52
N VAL A 185 17.21 -7.16 -9.74
CA VAL A 185 15.97 -6.46 -9.93
C VAL A 185 15.08 -7.38 -10.75
N TYR A 186 13.81 -7.43 -10.42
CA TYR A 186 12.86 -8.36 -11.03
C TYR A 186 11.63 -7.58 -11.44
N TYR A 187 10.82 -8.17 -12.31
CA TYR A 187 9.44 -7.73 -12.53
C TYR A 187 8.50 -8.59 -11.72
N GLY A 188 7.56 -7.96 -11.02
CA GLY A 188 6.49 -8.68 -10.34
C GLY A 188 5.38 -9.01 -11.31
N GLN A 189 4.74 -10.15 -11.09
CA GLN A 189 3.66 -10.64 -11.96
C GLN A 189 2.34 -10.57 -11.25
N ASP A 190 1.45 -9.71 -11.75
CA ASP A 190 0.09 -9.63 -11.24
C ASP A 190 0.05 -9.20 -9.76
N TYR A 191 0.86 -8.20 -9.44
CA TYR A 191 0.95 -7.70 -8.07
C TYR A 191 -0.31 -6.92 -7.67
N ARG A 192 -1.02 -6.42 -8.68
CA ARG A 192 -2.37 -5.89 -8.53
C ARG A 192 -3.18 -6.73 -7.56
N ASN A 193 -3.24 -8.03 -7.84
CA ASN A 193 -3.96 -8.99 -7.04
C ASN A 193 -3.20 -9.50 -5.80
N LYS A 194 -1.99 -10.04 -6.01
CA LYS A 194 -1.21 -10.69 -4.95
C LYS A 194 -0.79 -9.75 -3.80
N TYR A 195 -0.48 -8.49 -4.10
CA TYR A 195 -0.07 -7.55 -3.07
C TYR A 195 -0.92 -6.28 -3.00
N LYS A 196 -2.02 -6.29 -3.72
CA LYS A 196 -2.96 -5.14 -3.80
C LYS A 196 -2.26 -3.86 -4.24
N ALA A 197 -1.31 -4.03 -5.16
CA ALA A 197 -0.58 -2.95 -5.82
C ALA A 197 -1.54 -1.99 -6.51
N PRO A 198 -1.23 -0.69 -6.47
CA PRO A 198 -2.02 0.34 -7.17
C PRO A 198 -2.00 0.20 -8.70
N THR A 199 -0.96 -0.39 -9.26
CA THR A 199 -0.98 -0.82 -10.67
C THR A 199 -0.21 -2.11 -10.86
N ASP A 200 -0.18 -2.61 -12.10
CA ASP A 200 0.63 -3.77 -12.43
C ASP A 200 2.11 -3.50 -12.79
N TYR A 201 2.49 -2.23 -12.86
CA TYR A 201 3.86 -1.91 -13.23
C TYR A 201 4.79 -1.91 -12.01
N CYS A 202 5.22 -3.13 -11.64
CA CYS A 202 5.96 -3.38 -10.41
C CYS A 202 7.36 -3.95 -10.61
N LEU A 203 8.32 -3.38 -9.89
CA LEU A 203 9.68 -3.94 -9.81
C LEU A 203 10.04 -4.37 -8.37
N VAL A 204 10.93 -5.36 -8.24
CA VAL A 204 11.26 -5.95 -6.96
C VAL A 204 12.77 -6.03 -6.90
N LEU A 205 13.32 -5.62 -5.75
CA LEU A 205 14.76 -5.71 -5.47
C LEU A 205 14.98 -6.65 -4.29
N LYS A 206 15.81 -7.66 -4.50
CA LYS A 206 16.21 -8.58 -3.43
C LYS A 206 17.56 -9.20 -3.72
N HIS A 207 18.23 -9.60 -2.63
CA HIS A 207 19.42 -10.42 -2.68
C HIS A 207 19.13 -11.70 -3.45
N PRO A 208 20.08 -12.11 -4.31
CA PRO A 208 19.94 -13.37 -5.05
C PRO A 208 19.59 -14.57 -4.15
N GLN A 209 20.10 -14.60 -2.91
CA GLN A 209 19.95 -15.78 -2.04
C GLN A 209 18.61 -15.91 -1.32
N ILE A 210 17.82 -14.85 -1.28
CA ILE A 210 16.50 -14.91 -0.66
C ILE A 210 15.51 -15.52 -1.65
N GLN A 211 14.77 -16.52 -1.19
CA GLN A 211 13.96 -17.35 -2.06
C GLN A 211 12.52 -17.48 -1.57
N LYS A 212 12.23 -16.91 -0.41
CA LYS A 212 10.86 -16.92 0.15
C LYS A 212 10.58 -15.58 0.84
N LYS A 213 9.45 -15.50 1.55
CA LYS A 213 8.95 -14.22 2.06
C LYS A 213 9.98 -13.62 3.00
N SER A 214 10.28 -12.36 2.77
CA SER A 214 11.25 -11.67 3.60
C SER A 214 10.94 -10.19 3.57
N GLN A 215 11.11 -9.57 4.73
CA GLN A 215 10.97 -8.13 4.92
C GLN A 215 12.06 -7.30 4.20
N TYR A 216 13.15 -7.97 3.80
CA TYR A 216 14.30 -7.35 3.10
C TYR A 216 14.12 -7.32 1.59
N ILE A 217 13.01 -7.86 1.13
CA ILE A 217 12.59 -7.73 -0.24
C ILE A 217 11.90 -6.36 -0.33
N LYS A 218 12.29 -5.56 -1.32
CA LYS A 218 11.69 -4.24 -1.56
C LYS A 218 10.76 -4.29 -2.77
N TYR A 219 9.54 -3.79 -2.58
CA TYR A 219 8.53 -3.78 -3.65
C TYR A 219 8.17 -2.37 -4.09
N LEU A 220 8.28 -2.11 -5.39
CA LEU A 220 8.00 -0.79 -5.94
C LEU A 220 6.94 -0.86 -7.03
N CYS A 221 6.07 0.13 -7.08
CA CYS A 221 5.00 0.19 -8.09
C CYS A 221 5.06 1.51 -8.84
N CYS A 222 4.97 1.45 -10.16
CA CYS A 222 5.13 2.63 -10.98
C CYS A 222 3.78 3.03 -11.54
N ASP A 223 3.68 4.31 -11.94
CA ASP A 223 2.45 4.88 -12.50
C ASP A 223 2.01 4.21 -13.80
N ASP A 224 2.99 3.83 -14.62
CA ASP A 224 2.76 3.39 -15.99
C ASP A 224 3.97 2.60 -16.51
N VAL A 225 3.91 2.11 -17.75
CA VAL A 225 4.90 1.11 -18.20
C VAL A 225 6.23 1.78 -18.56
N ARG A 226 6.15 3.06 -18.88
CA ARG A 226 7.30 3.90 -19.16
C ARG A 226 8.17 4.09 -17.92
N THR A 227 7.56 4.52 -16.83
CA THR A 227 8.27 4.71 -15.55
C THR A 227 8.92 3.39 -15.12
N LEU A 228 8.16 2.31 -15.23
CA LEU A 228 8.70 0.99 -14.99
C LEU A 228 9.97 0.72 -15.80
N HIS A 229 9.93 1.01 -17.10
CA HIS A 229 11.07 0.76 -17.98
C HIS A 229 12.26 1.62 -17.68
N GLN A 230 12.03 2.89 -17.44
CA GLN A 230 13.12 3.79 -17.09
C GLN A 230 13.83 3.34 -15.80
N TRP A 231 13.04 3.02 -14.78
CA TRP A 231 13.60 2.62 -13.49
C TRP A 231 14.40 1.33 -13.51
N VAL A 232 13.83 0.29 -14.10
CA VAL A 232 14.52 -0.98 -14.33
C VAL A 232 15.80 -0.79 -15.15
N ASN A 233 15.72 -0.07 -16.27
CA ASN A 233 16.95 0.12 -17.03
C ASN A 233 18.01 0.90 -16.25
N GLY A 234 17.56 1.97 -15.61
CA GLY A 234 18.44 2.79 -14.79
C GLY A 234 19.12 1.91 -13.77
N ILE A 235 18.32 1.21 -12.96
CA ILE A 235 18.85 0.30 -11.95
C ILE A 235 19.87 -0.67 -12.53
N ARG A 236 19.58 -1.20 -13.71
CA ARG A 236 20.48 -2.14 -14.39
C ARG A 236 21.83 -1.51 -14.75
N ILE A 237 21.79 -0.29 -15.30
CA ILE A 237 23.03 0.45 -15.59
C ILE A 237 23.90 0.61 -14.36
N ALA A 238 23.30 1.16 -13.31
CA ALA A 238 23.98 1.41 -12.04
C ALA A 238 24.48 0.13 -11.35
N LYS A 239 23.82 -1.00 -11.60
CA LYS A 239 24.31 -2.28 -11.09
C LYS A 239 25.44 -2.89 -11.94
N TYR A 240 25.20 -3.00 -13.24
CA TYR A 240 26.05 -3.75 -14.13
C TYR A 240 27.04 -2.90 -14.92
N GLY A 241 26.73 -1.61 -15.09
CA GLY A 241 27.59 -0.69 -15.86
C GLY A 241 28.04 -1.16 -17.22
N LYS A 242 29.26 -0.82 -17.61
CA LYS A 242 29.79 -1.02 -18.98
C LYS A 242 29.60 -2.45 -19.48
N GLN A 243 29.60 -3.38 -18.54
CA GLN A 243 29.34 -4.79 -18.82
C GLN A 243 28.03 -5.02 -19.59
N LEU A 244 26.97 -4.24 -19.29
CA LEU A 244 25.74 -4.29 -20.10
C LEU A 244 26.04 -4.02 -21.56
N TYR A 245 26.80 -2.95 -21.81
CA TYR A 245 27.22 -2.57 -23.16
C TYR A 245 28.00 -3.65 -23.86
N MET A 246 28.94 -4.25 -23.15
CA MET A 246 29.68 -5.38 -23.69
C MET A 246 28.76 -6.55 -24.03
N ASN A 247 27.72 -6.77 -23.23
CA ASN A 247 26.78 -7.84 -23.53
C ASN A 247 26.09 -7.59 -24.84
N TYR A 248 25.64 -6.35 -25.00
CA TYR A 248 24.91 -5.93 -26.20
C TYR A 248 25.80 -6.07 -27.45
N GLN A 249 27.00 -5.50 -27.40
CA GLN A 249 27.98 -5.57 -28.50
C GLN A 249 28.20 -7.04 -28.90
N GLU A 250 28.36 -7.91 -27.91
CA GLU A 250 28.58 -9.33 -28.14
C GLU A 250 27.33 -10.03 -28.69
N ALA A 251 26.16 -9.62 -28.23
CA ALA A 251 24.91 -10.28 -28.63
C ALA A 251 24.57 -10.02 -30.09
N LEU A 252 24.98 -8.85 -30.58
CA LEU A 252 24.52 -8.27 -31.83
C LEU A 252 25.20 -8.86 -33.08
N LYS A 253 25.41 -10.17 -33.10
CA LYS A 253 25.96 -10.85 -34.30
C LYS A 253 25.22 -10.52 -35.62
N VAL B 3 -1.50 -30.98 -21.49
CA VAL B 3 -2.59 -29.94 -21.47
C VAL B 3 -3.98 -30.62 -21.42
N LYS B 4 -4.71 -30.34 -20.34
CA LYS B 4 -5.94 -31.06 -20.03
C LYS B 4 -7.12 -30.80 -20.99
N LYS B 5 -7.73 -31.89 -21.42
CA LYS B 5 -8.86 -31.85 -22.36
C LYS B 5 -10.20 -31.83 -21.65
N LEU B 6 -11.20 -31.26 -22.31
CA LEU B 6 -12.57 -31.16 -21.75
C LEU B 6 -13.69 -31.11 -22.78
N VAL B 7 -14.69 -31.98 -22.63
CA VAL B 7 -15.88 -31.96 -23.48
C VAL B 7 -16.95 -31.09 -22.83
N ILE B 8 -17.31 -29.99 -23.50
CA ILE B 8 -18.38 -29.10 -23.03
C ILE B 8 -19.64 -29.41 -23.82
N ARG B 9 -20.77 -28.90 -23.35
CA ARG B 9 -22.01 -29.00 -24.12
C ARG B 9 -22.51 -27.60 -24.41
N VAL B 10 -22.84 -27.37 -25.69
CA VAL B 10 -23.20 -26.03 -26.18
C VAL B 10 -24.58 -26.06 -26.80
N HIS B 11 -25.41 -25.09 -26.43
CA HIS B 11 -26.73 -24.93 -27.05
C HIS B 11 -26.66 -24.06 -28.27
N MET B 12 -27.16 -24.58 -29.38
CA MET B 12 -27.18 -23.80 -30.62
C MET B 12 -28.40 -22.87 -30.65
N SER B 13 -28.46 -22.05 -31.71
CA SER B 13 -29.48 -21.01 -31.85
C SER B 13 -30.88 -21.64 -31.79
N ASP B 14 -31.07 -22.73 -32.55
CA ASP B 14 -32.36 -23.45 -32.64
C ASP B 14 -32.68 -24.35 -31.43
N ASP B 15 -31.97 -24.17 -30.33
CA ASP B 15 -32.27 -24.87 -29.08
C ASP B 15 -31.70 -26.31 -29.01
N SER B 16 -31.10 -26.79 -30.09
CA SER B 16 -30.41 -28.08 -30.06
C SER B 16 -29.09 -28.00 -29.26
N SER B 17 -28.33 -29.08 -29.33
CA SER B 17 -27.26 -29.34 -28.38
C SER B 17 -26.12 -30.03 -29.10
N LYS B 18 -24.90 -29.67 -28.76
CA LYS B 18 -23.71 -30.36 -29.30
C LYS B 18 -22.60 -30.34 -28.30
N THR B 19 -21.74 -31.36 -28.39
CA THR B 19 -20.56 -31.41 -27.55
C THR B 19 -19.36 -31.09 -28.39
N MET B 20 -18.28 -30.68 -27.75
CA MET B 20 -17.01 -30.46 -28.42
CA MET B 20 -17.00 -30.41 -28.43
C MET B 20 -15.89 -30.49 -27.40
N MET B 21 -14.75 -31.04 -27.79
CA MET B 21 -13.58 -31.02 -26.93
CA MET B 21 -13.56 -31.03 -26.96
C MET B 21 -12.98 -29.60 -26.91
N VAL B 22 -12.72 -29.10 -25.70
CA VAL B 22 -11.90 -27.88 -25.55
C VAL B 22 -10.67 -28.27 -24.72
N ASP B 23 -9.66 -27.39 -24.65
CA ASP B 23 -8.55 -27.65 -23.73
C ASP B 23 -8.33 -26.42 -22.87
N GLU B 24 -7.55 -26.59 -21.81
CA GLU B 24 -7.38 -25.57 -20.78
C GLU B 24 -6.56 -24.35 -21.25
N ARG B 25 -5.94 -24.44 -22.41
CA ARG B 25 -5.22 -23.27 -22.97
C ARG B 25 -6.09 -22.35 -23.85
N GLN B 26 -7.29 -22.80 -24.21
CA GLN B 26 -8.03 -22.12 -25.27
C GLN B 26 -8.75 -20.88 -24.82
N THR B 27 -8.70 -19.83 -25.63
CA THR B 27 -9.55 -18.68 -25.48
C THR B 27 -10.94 -19.00 -26.09
N VAL B 28 -11.93 -18.18 -25.75
CA VAL B 28 -13.24 -18.25 -26.37
C VAL B 28 -13.14 -18.09 -27.89
N ARG B 29 -12.23 -17.23 -28.35
CA ARG B 29 -11.98 -17.07 -29.80
C ARG B 29 -11.68 -18.40 -30.45
N GLN B 30 -10.74 -19.14 -29.89
CA GLN B 30 -10.39 -20.46 -30.44
C GLN B 30 -11.53 -21.48 -30.38
N VAL B 31 -12.33 -21.41 -29.33
CA VAL B 31 -13.47 -22.29 -29.21
C VAL B 31 -14.51 -21.91 -30.25
N LEU B 32 -14.82 -20.63 -30.35
CA LEU B 32 -15.72 -20.15 -31.39
C LEU B 32 -15.28 -20.58 -32.80
N ASP B 33 -14.00 -20.43 -33.13
CA ASP B 33 -13.52 -20.84 -34.45
C ASP B 33 -13.81 -22.30 -34.76
N ASN B 34 -13.60 -23.18 -33.79
CA ASN B 34 -13.95 -24.58 -33.94
C ASN B 34 -15.46 -24.78 -34.11
N LEU B 35 -16.23 -24.15 -33.24
CA LEU B 35 -17.67 -24.18 -33.34
C LEU B 35 -18.17 -23.69 -34.73
N MET B 36 -17.54 -22.66 -35.26
CA MET B 36 -17.89 -22.24 -36.62
C MET B 36 -17.53 -23.29 -37.68
N ASP B 37 -16.32 -23.87 -37.61
CA ASP B 37 -15.92 -24.95 -38.55
C ASP B 37 -16.83 -26.16 -38.48
N LYS B 38 -17.23 -26.52 -37.27
CA LYS B 38 -18.00 -27.74 -37.08
C LYS B 38 -19.46 -27.59 -37.52
N SER B 39 -20.03 -26.41 -37.37
CA SER B 39 -21.46 -26.28 -37.57
C SER B 39 -21.82 -25.90 -39.00
N HIS B 40 -20.84 -25.37 -39.72
CA HIS B 40 -20.98 -24.89 -41.09
C HIS B 40 -21.86 -23.68 -41.17
N CYS B 41 -21.92 -22.92 -40.07
CA CYS B 41 -22.71 -21.71 -39.99
C CYS B 41 -22.18 -20.57 -40.85
N GLY B 42 -20.88 -20.55 -41.09
CA GLY B 42 -20.27 -19.45 -41.83
C GLY B 42 -19.52 -18.52 -40.89
N TYR B 43 -18.40 -18.00 -41.37
CA TYR B 43 -17.52 -17.19 -40.54
C TYR B 43 -18.12 -15.82 -40.32
N SER B 44 -18.02 -15.32 -39.09
CA SER B 44 -18.40 -13.94 -38.78
C SER B 44 -17.86 -13.54 -37.42
N LEU B 45 -17.57 -12.26 -37.27
CA LEU B 45 -17.05 -11.80 -35.99
C LEU B 45 -18.14 -11.80 -34.95
N ASP B 46 -19.40 -11.86 -35.42
CA ASP B 46 -20.59 -11.78 -34.55
C ASP B 46 -21.03 -13.07 -33.83
N TRP B 47 -20.53 -14.23 -34.26
CA TRP B 47 -20.78 -15.47 -33.53
C TRP B 47 -20.19 -15.34 -32.16
N SER B 48 -20.93 -15.78 -31.16
CA SER B 48 -20.59 -15.47 -29.80
C SER B 48 -20.85 -16.68 -28.93
N LEU B 49 -20.14 -16.73 -27.82
CA LEU B 49 -20.36 -17.73 -26.84
C LEU B 49 -20.88 -16.99 -25.65
N VAL B 50 -22.06 -17.42 -25.23
CA VAL B 50 -22.84 -16.76 -24.20
C VAL B 50 -23.01 -17.75 -23.08
N GLU B 51 -22.82 -17.29 -21.85
CA GLU B 51 -23.15 -18.10 -20.67
C GLU B 51 -24.38 -17.55 -19.93
N THR B 52 -25.25 -18.45 -19.47
CA THR B 52 -26.30 -18.05 -18.56
C THR B 52 -25.91 -18.46 -17.15
N VAL B 53 -26.18 -17.61 -16.16
N VAL B 53 -26.20 -17.59 -16.18
CA VAL B 53 -26.06 -18.06 -14.77
CA VAL B 53 -26.12 -17.97 -14.77
C VAL B 53 -27.47 -18.29 -14.26
C VAL B 53 -27.54 -18.27 -14.33
N SER B 54 -27.89 -19.56 -14.35
CA SER B 54 -29.31 -19.94 -14.28
C SER B 54 -29.96 -19.70 -12.93
N GLU B 55 -29.17 -19.70 -11.87
CA GLU B 55 -29.67 -19.36 -10.55
C GLU B 55 -30.04 -17.87 -10.42
N LEU B 56 -29.59 -17.04 -11.36
CA LEU B 56 -29.74 -15.60 -11.24
C LEU B 56 -30.45 -15.00 -12.44
N GLN B 57 -30.84 -15.88 -13.37
CA GLN B 57 -31.60 -15.54 -14.59
C GLN B 57 -30.96 -14.41 -15.39
N MET B 58 -29.66 -14.52 -15.64
CA MET B 58 -28.95 -13.53 -16.44
C MET B 58 -27.90 -14.15 -17.38
N GLU B 59 -27.32 -13.32 -18.24
CA GLU B 59 -26.40 -13.86 -19.23
C GLU B 59 -25.32 -12.86 -19.62
N ARG B 60 -24.18 -13.39 -20.06
CA ARG B 60 -23.18 -12.51 -20.61
C ARG B 60 -22.53 -13.12 -21.82
N ILE B 61 -22.19 -12.27 -22.78
CA ILE B 61 -21.34 -12.65 -23.91
C ILE B 61 -19.88 -12.58 -23.45
N PHE B 62 -19.19 -13.71 -23.46
CA PHE B 62 -17.78 -13.78 -23.10
C PHE B 62 -17.01 -12.90 -24.01
N GLU B 63 -15.96 -12.25 -23.50
CA GLU B 63 -15.00 -11.61 -24.39
C GLU B 63 -14.06 -12.69 -24.98
N ASP B 64 -13.65 -12.48 -26.22
CA ASP B 64 -13.01 -13.53 -27.02
C ASP B 64 -11.64 -13.96 -26.55
N HIS B 65 -11.02 -13.08 -25.78
CA HIS B 65 -9.72 -13.34 -25.19
C HIS B 65 -9.76 -14.17 -23.93
N GLU B 66 -10.94 -14.51 -23.43
CA GLU B 66 -11.05 -15.13 -22.12
C GLU B 66 -10.78 -16.62 -22.19
N ASN B 67 -10.11 -17.14 -21.16
CA ASN B 67 -9.92 -18.57 -21.03
C ASN B 67 -11.26 -19.22 -20.68
N LEU B 68 -11.78 -20.05 -21.58
CA LEU B 68 -13.08 -20.68 -21.32
C LEU B 68 -13.07 -21.56 -20.08
N VAL B 69 -12.09 -22.48 -20.00
CA VAL B 69 -12.06 -23.48 -18.95
C VAL B 69 -12.03 -22.81 -17.59
N GLU B 70 -11.20 -21.79 -17.46
CA GLU B 70 -11.03 -21.07 -16.20
C GLU B 70 -12.30 -20.37 -15.80
N ASN B 71 -13.09 -19.95 -16.76
CA ASN B 71 -14.37 -19.39 -16.44
C ASN B 71 -15.37 -20.44 -15.94
N LEU B 72 -15.34 -21.61 -16.59
CA LEU B 72 -16.23 -22.69 -16.23
C LEU B 72 -15.92 -23.28 -14.84
N LEU B 73 -14.67 -23.20 -14.39
CA LEU B 73 -14.32 -23.59 -13.03
C LEU B 73 -15.00 -22.69 -11.97
N ASN B 74 -15.45 -21.49 -12.36
CA ASN B 74 -16.31 -20.70 -11.48
C ASN B 74 -17.71 -21.27 -11.27
N TRP B 75 -18.15 -22.15 -12.13
CA TRP B 75 -19.47 -22.76 -11.98
C TRP B 75 -19.51 -23.66 -10.77
N THR B 76 -20.68 -23.78 -10.13
CA THR B 76 -20.82 -24.74 -9.02
C THR B 76 -20.81 -26.16 -9.59
N ARG B 77 -20.48 -27.12 -8.71
CA ARG B 77 -20.52 -28.53 -9.05
C ARG B 77 -21.85 -28.96 -9.69
N ASP B 78 -22.95 -28.41 -9.14
CA ASP B 78 -24.33 -28.72 -9.52
C ASP B 78 -24.96 -27.63 -10.41
N SER B 79 -24.11 -26.78 -10.99
CA SER B 79 -24.54 -25.66 -11.84
C SER B 79 -25.42 -26.11 -12.99
N GLN B 80 -26.53 -25.41 -13.19
CA GLN B 80 -27.39 -25.65 -14.35
C GLN B 80 -27.18 -24.55 -15.38
N ASN B 81 -26.02 -23.89 -15.30
CA ASN B 81 -25.65 -22.84 -16.24
C ASN B 81 -25.55 -23.43 -17.64
N LYS B 82 -25.82 -22.61 -18.64
CA LYS B 82 -25.73 -23.10 -20.00
C LYS B 82 -24.70 -22.32 -20.81
N LEU B 83 -24.15 -23.00 -21.81
CA LEU B 83 -23.34 -22.33 -22.82
C LEU B 83 -24.19 -22.23 -24.08
N ILE B 84 -24.18 -21.04 -24.71
CA ILE B 84 -24.94 -20.81 -25.92
C ILE B 84 -24.10 -20.20 -27.03
N PHE B 85 -24.07 -20.88 -28.16
CA PHE B 85 -23.41 -20.40 -29.36
C PHE B 85 -24.46 -19.76 -30.24
N MET B 86 -24.36 -18.45 -30.43
CA MET B 86 -25.32 -17.66 -31.25
C MET B 86 -24.68 -16.37 -31.75
N GLU B 87 -25.26 -15.77 -32.78
CA GLU B 87 -24.82 -14.46 -33.23
C GLU B 87 -25.28 -13.42 -32.27
N ARG B 88 -24.33 -12.62 -31.80
CA ARG B 88 -24.71 -11.49 -30.96
C ARG B 88 -24.08 -10.23 -31.53
N ILE B 89 -24.90 -9.36 -32.11
CA ILE B 89 -24.36 -8.12 -32.66
C ILE B 89 -23.89 -7.16 -31.56
N GLU B 90 -24.45 -7.30 -30.36
CA GLU B 90 -23.98 -6.49 -29.23
C GLU B 90 -22.47 -6.52 -29.07
N LYS B 91 -21.82 -7.66 -29.34
CA LYS B 91 -20.37 -7.80 -29.01
C LYS B 91 -19.45 -6.80 -29.72
N TYR B 92 -19.63 -6.58 -31.02
CA TYR B 92 -18.73 -5.67 -31.72
C TYR B 92 -19.40 -4.41 -32.26
N ALA B 93 -20.59 -4.13 -31.77
CA ALA B 93 -21.34 -2.98 -32.24
C ALA B 93 -20.45 -1.75 -32.13
N LEU B 94 -19.87 -1.53 -30.95
CA LEU B 94 -19.07 -0.34 -30.68
C LEU B 94 -17.97 -0.16 -31.71
N PHE B 95 -17.44 -1.25 -32.23
CA PHE B 95 -16.39 -1.13 -33.23
C PHE B 95 -16.93 -0.81 -34.61
N LYS B 96 -18.13 -1.29 -34.94
CA LYS B 96 -18.76 -1.01 -36.22
C LYS B 96 -19.09 0.48 -36.32
N ASN B 97 -19.64 1.03 -35.22
CA ASN B 97 -20.09 2.41 -35.19
C ASN B 97 -19.70 3.20 -33.93
N PRO B 98 -18.39 3.39 -33.71
CA PRO B 98 -17.87 4.01 -32.49
C PRO B 98 -18.40 5.42 -32.21
N GLN B 99 -18.79 6.13 -33.26
CA GLN B 99 -19.35 7.49 -33.13
C GLN B 99 -20.61 7.46 -32.26
N ASN B 100 -21.26 6.30 -32.24
CA ASN B 100 -22.41 6.07 -31.37
C ASN B 100 -22.10 5.67 -29.95
N TYR B 101 -20.84 5.41 -29.67
CA TYR B 101 -20.49 4.91 -28.35
C TYR B 101 -19.44 5.72 -27.67
N LEU B 102 -18.40 6.10 -28.42
CA LEU B 102 -17.26 6.84 -27.87
C LEU B 102 -17.44 8.36 -27.85
N LEU B 103 -18.53 8.83 -28.45
CA LEU B 103 -19.04 10.17 -28.20
C LEU B 103 -20.50 9.95 -27.84
N GLY B 104 -20.95 10.68 -26.82
CA GLY B 104 -22.30 10.51 -26.32
C GLY B 104 -22.70 11.78 -25.61
N LYS B 105 -23.69 12.50 -26.13
CA LYS B 105 -24.37 12.24 -27.41
C LYS B 105 -25.23 10.97 -27.50
N LYS B 106 -26.42 11.05 -26.89
CA LYS B 106 -27.38 9.96 -26.89
C LYS B 106 -27.78 9.59 -28.30
N GLU B 107 -27.83 10.61 -29.17
CA GLU B 107 -28.39 10.45 -30.51
C GLU B 107 -27.46 9.76 -31.53
N THR B 108 -28.09 9.12 -32.50
CA THR B 108 -27.43 8.20 -33.41
C THR B 108 -27.03 8.83 -34.75
N ALA B 109 -25.87 8.42 -35.28
CA ALA B 109 -25.33 9.03 -36.49
C ALA B 109 -24.40 8.12 -37.30
N GLU B 110 -24.24 8.49 -38.58
CA GLU B 110 -23.26 7.89 -39.47
C GLU B 110 -21.85 8.46 -39.27
N MET B 111 -20.86 7.80 -39.83
CA MET B 111 -19.50 8.29 -39.85
C MET B 111 -18.72 7.63 -40.98
N ALA B 112 -17.85 8.38 -41.63
CA ALA B 112 -16.98 7.84 -42.65
C ALA B 112 -16.03 6.77 -42.10
N ASP B 113 -15.79 5.74 -42.92
CA ASP B 113 -14.94 4.60 -42.57
C ASP B 113 -13.60 5.03 -41.99
N ARG B 114 -12.87 5.86 -42.70
CA ARG B 114 -11.57 6.27 -42.22
C ARG B 114 -11.64 6.97 -40.85
N ASN B 115 -12.70 7.75 -40.61
CA ASN B 115 -12.83 8.50 -39.36
C ASN B 115 -13.22 7.56 -38.22
N LYS B 116 -13.92 6.48 -38.57
CA LYS B 116 -14.17 5.41 -37.63
C LYS B 116 -12.86 4.84 -37.09
N GLU B 117 -11.97 4.44 -38.00
CA GLU B 117 -10.65 3.97 -37.60
C GLU B 117 -9.93 5.00 -36.70
N VAL B 118 -9.78 6.24 -37.17
CA VAL B 118 -9.17 7.29 -36.35
C VAL B 118 -9.71 7.27 -34.91
N LEU B 119 -11.03 7.36 -34.79
CA LEU B 119 -11.70 7.45 -33.50
C LEU B 119 -11.35 6.29 -32.54
N LEU B 120 -11.21 5.08 -33.10
CA LEU B 120 -10.92 3.89 -32.31
C LEU B 120 -9.47 3.90 -31.91
N GLU B 121 -8.61 4.39 -32.80
CA GLU B 121 -7.20 4.56 -32.47
C GLU B 121 -7.03 5.56 -31.34
N GLU B 122 -7.71 6.69 -31.46
CA GLU B 122 -7.65 7.72 -30.43
C GLU B 122 -8.09 7.15 -29.08
N CYS B 123 -9.12 6.30 -29.05
CA CYS B 123 -9.67 5.76 -27.79
CA CYS B 123 -9.60 5.84 -27.77
C CYS B 123 -8.80 4.66 -27.19
N PHE B 124 -8.37 3.73 -28.05
CA PHE B 124 -7.71 2.51 -27.57
C PHE B 124 -6.19 2.43 -27.70
N CYS B 125 -5.59 3.15 -28.66
CA CYS B 125 -4.18 2.87 -29.01
C CYS B 125 -3.09 3.83 -28.46
N GLY B 126 -3.46 4.71 -27.54
CA GLY B 126 -2.46 5.60 -26.94
C GLY B 126 -1.76 4.86 -25.84
N SER B 127 -0.99 5.59 -25.03
CA SER B 127 -0.37 4.99 -23.85
C SER B 127 -1.43 4.37 -22.94
N SER B 128 -2.60 5.01 -22.85
CA SER B 128 -3.75 4.44 -22.13
C SER B 128 -5.12 4.67 -22.80
N VAL B 129 -6.10 3.90 -22.37
CA VAL B 129 -7.44 3.98 -22.89
C VAL B 129 -8.07 5.30 -22.46
N THR B 130 -8.51 6.10 -23.42
CA THR B 130 -9.25 7.31 -23.11
C THR B 130 -10.75 7.01 -23.15
N VAL B 131 -11.22 6.34 -22.09
CA VAL B 131 -12.64 6.09 -21.84
C VAL B 131 -13.40 7.41 -21.84
N PRO B 132 -14.33 7.57 -22.80
CA PRO B 132 -15.21 8.74 -22.76
C PRO B 132 -16.22 8.58 -21.61
N GLU B 133 -16.33 9.59 -20.74
CA GLU B 133 -17.15 9.45 -19.54
C GLU B 133 -18.64 9.43 -19.87
N ILE B 134 -19.36 8.59 -19.14
CA ILE B 134 -20.76 8.37 -19.40
C ILE B 134 -21.45 8.52 -18.07
N GLU B 135 -22.47 9.37 -18.06
CA GLU B 135 -23.22 9.72 -16.87
C GLU B 135 -24.70 9.73 -17.21
N GLY B 136 -25.53 9.54 -16.18
CA GLY B 136 -26.98 9.64 -16.33
C GLY B 136 -27.67 8.96 -15.17
N VAL B 137 -29.00 9.06 -15.18
CA VAL B 137 -29.81 8.56 -14.08
C VAL B 137 -30.20 7.11 -14.36
N LEU B 138 -30.24 6.30 -13.30
CA LEU B 138 -30.47 4.87 -13.43
C LEU B 138 -31.21 4.31 -12.23
N TRP B 139 -31.89 3.20 -12.46
CA TRP B 139 -32.56 2.49 -11.38
C TRP B 139 -31.63 1.49 -10.75
N LEU B 140 -31.50 1.58 -9.43
CA LEU B 140 -30.76 0.60 -8.66
C LEU B 140 -31.74 -0.12 -7.76
N LYS B 141 -31.78 -1.45 -7.86
CA LYS B 141 -32.58 -2.28 -6.95
C LYS B 141 -32.09 -2.19 -5.49
N ASP B 142 -33.03 -2.07 -4.56
CA ASP B 142 -32.72 -2.16 -3.13
C ASP B 142 -32.17 -3.55 -2.82
N ASP B 143 -31.18 -3.63 -1.92
CA ASP B 143 -30.59 -4.93 -1.55
C ASP B 143 -31.68 -5.90 -1.06
N GLY B 144 -31.63 -7.14 -1.57
CA GLY B 144 -32.56 -8.20 -1.20
C GLY B 144 -34.08 -7.98 -1.31
N LYS B 145 -34.51 -6.93 -1.99
CA LYS B 145 -35.94 -6.72 -2.25
C LYS B 145 -36.29 -6.19 -3.65
N LYS B 146 -37.54 -6.43 -4.07
CA LYS B 146 -38.04 -6.08 -5.42
C LYS B 146 -38.60 -4.64 -5.53
N SER B 147 -37.83 -3.69 -5.03
CA SER B 147 -38.11 -2.27 -5.19
C SER B 147 -36.87 -1.59 -5.79
N TRP B 148 -37.08 -0.53 -6.57
CA TRP B 148 -35.99 0.20 -7.22
C TRP B 148 -36.03 1.64 -6.84
N LYS B 149 -34.92 2.34 -7.03
CA LYS B 149 -34.81 3.77 -6.75
C LYS B 149 -33.88 4.40 -7.77
N LYS B 150 -34.32 5.53 -8.33
CA LYS B 150 -33.50 6.35 -9.23
C LYS B 150 -32.30 6.92 -8.49
N ARG B 151 -31.11 6.69 -9.05
CA ARG B 151 -29.87 7.31 -8.57
C ARG B 151 -29.06 7.75 -9.80
N TYR B 152 -28.18 8.72 -9.59
CA TYR B 152 -27.33 9.22 -10.66
C TYR B 152 -25.96 8.56 -10.63
N PHE B 153 -25.52 8.10 -11.80
CA PHE B 153 -24.30 7.30 -11.92
C PHE B 153 -23.27 7.94 -12.83
N LEU B 154 -22.00 7.70 -12.50
CA LEU B 154 -20.85 8.24 -13.23
C LEU B 154 -19.73 7.20 -13.46
N LEU B 155 -19.45 6.96 -14.74
CA LEU B 155 -18.36 6.09 -15.16
C LEU B 155 -17.05 6.83 -15.46
N ARG B 156 -16.02 6.47 -14.70
CA ARG B 156 -14.64 6.89 -14.96
C ARG B 156 -13.73 5.66 -14.90
N ALA B 157 -12.52 5.78 -15.44
CA ALA B 157 -11.58 4.65 -15.49
C ALA B 157 -11.45 3.91 -14.15
N SER B 158 -11.62 4.61 -13.04
CA SER B 158 -11.45 4.00 -11.72
C SER B 158 -12.69 3.23 -11.17
N GLY B 159 -13.72 3.04 -12.00
CA GLY B 159 -14.91 2.31 -11.57
C GLY B 159 -16.22 3.08 -11.70
N ILE B 160 -17.25 2.56 -11.04
CA ILE B 160 -18.56 3.20 -11.09
C ILE B 160 -18.78 3.90 -9.77
N TYR B 161 -19.30 5.12 -9.84
CA TYR B 161 -19.68 5.91 -8.66
C TYR B 161 -21.14 6.29 -8.73
N TYR B 162 -21.71 6.53 -7.55
CA TYR B 162 -23.09 7.01 -7.45
C TYR B 162 -23.26 7.94 -6.27
N VAL B 163 -24.38 8.64 -6.27
CA VAL B 163 -24.77 9.48 -5.17
C VAL B 163 -25.88 8.73 -4.46
N PRO B 164 -25.67 8.34 -3.20
CA PRO B 164 -26.71 7.65 -2.46
C PRO B 164 -27.74 8.59 -1.81
N LYS B 165 -27.58 9.91 -1.99
CA LYS B 165 -28.50 10.92 -1.44
C LYS B 165 -29.88 10.86 -2.11
N GLY B 166 -29.99 11.37 -3.34
CA GLY B 166 -31.21 11.21 -4.14
C GLY B 166 -30.90 11.04 -5.63
N LYS B 167 -31.64 11.81 -6.43
CA LYS B 167 -31.29 12.13 -7.82
C LYS B 167 -31.36 13.67 -8.00
N ALA B 168 -30.60 14.22 -8.93
CA ALA B 168 -29.64 13.48 -9.77
C ALA B 168 -28.16 13.89 -9.48
N LYS B 169 -27.61 14.80 -10.29
CA LYS B 169 -26.19 15.19 -10.24
C LYS B 169 -25.81 15.95 -8.96
N VAL B 170 -25.53 15.18 -7.89
CA VAL B 170 -24.95 15.74 -6.66
C VAL B 170 -23.49 15.29 -6.65
N SER B 171 -22.66 16.04 -7.38
CA SER B 171 -21.27 15.69 -7.73
C SER B 171 -20.32 15.39 -6.54
N ARG B 172 -20.23 16.32 -5.59
CA ARG B 172 -19.36 16.14 -4.41
C ARG B 172 -19.75 14.92 -3.53
N ASP B 173 -20.98 14.42 -3.74
CA ASP B 173 -21.50 13.24 -3.04
C ASP B 173 -21.39 11.93 -3.84
N LEU B 174 -20.43 11.87 -4.78
CA LEU B 174 -20.16 10.63 -5.52
C LEU B 174 -19.22 9.73 -4.72
N VAL B 175 -19.74 8.60 -4.23
CA VAL B 175 -18.93 7.56 -3.56
C VAL B 175 -18.79 6.30 -4.43
N CYS B 176 -17.79 5.47 -4.16
CA CYS B 176 -17.60 4.22 -4.89
C CYS B 176 -18.91 3.43 -4.90
N PHE B 177 -19.35 3.06 -6.10
CA PHE B 177 -20.42 2.11 -6.26
C PHE B 177 -19.81 0.73 -6.51
N LEU B 178 -18.97 0.63 -7.55
CA LEU B 178 -18.22 -0.59 -7.83
C LEU B 178 -16.92 -0.32 -8.59
N GLN B 179 -15.83 -0.90 -8.09
CA GLN B 179 -14.60 -1.00 -8.87
C GLN B 179 -14.78 -2.15 -9.86
N LEU B 180 -14.39 -1.96 -11.11
CA LEU B 180 -14.67 -2.95 -12.17
C LEU B 180 -13.71 -4.16 -12.26
N ASP B 181 -12.55 -4.06 -11.64
CA ASP B 181 -11.53 -5.11 -11.74
C ASP B 181 -11.99 -6.54 -11.62
N HIS B 182 -12.87 -6.83 -10.65
CA HIS B 182 -13.35 -8.20 -10.37
C HIS B 182 -14.86 -8.38 -10.48
N VAL B 183 -15.51 -7.55 -11.30
CA VAL B 183 -16.88 -7.80 -11.69
C VAL B 183 -17.01 -7.92 -13.23
N ASN B 184 -17.74 -8.94 -13.66
CA ASN B 184 -18.23 -9.06 -15.01
C ASN B 184 -19.56 -8.36 -15.10
N VAL B 185 -19.97 -8.02 -16.30
CA VAL B 185 -21.22 -7.33 -16.53
C VAL B 185 -22.13 -8.29 -17.30
N TYR B 186 -23.41 -8.31 -16.94
CA TYR B 186 -24.36 -9.29 -17.49
C TYR B 186 -25.58 -8.56 -17.96
N TYR B 187 -26.32 -9.19 -18.87
CA TYR B 187 -27.70 -8.79 -19.15
C TYR B 187 -28.64 -9.63 -18.32
N GLY B 188 -29.64 -8.99 -17.74
CA GLY B 188 -30.73 -9.70 -17.07
C GLY B 188 -31.86 -10.00 -18.04
N GLN B 189 -32.49 -11.16 -17.86
CA GLN B 189 -33.59 -11.52 -18.72
C GLN B 189 -34.90 -11.57 -17.97
N ASP B 190 -35.87 -10.80 -18.47
CA ASP B 190 -37.22 -10.71 -17.92
C ASP B 190 -37.22 -10.25 -16.48
N TYR B 191 -36.46 -9.19 -16.21
CA TYR B 191 -36.33 -8.67 -14.85
C TYR B 191 -37.56 -7.87 -14.45
N ARG B 192 -38.29 -7.37 -15.45
CA ARG B 192 -39.56 -6.71 -15.19
C ARG B 192 -40.44 -7.58 -14.29
N ASN B 193 -40.48 -8.88 -14.58
CA ASN B 193 -41.23 -9.87 -13.80
C ASN B 193 -40.52 -10.40 -12.54
N LYS B 194 -39.30 -10.94 -12.70
CA LYS B 194 -38.58 -11.54 -11.57
C LYS B 194 -38.17 -10.58 -10.44
N TYR B 195 -37.90 -9.32 -10.77
CA TYR B 195 -37.47 -8.33 -9.77
C TYR B 195 -38.28 -7.05 -9.73
N LYS B 196 -39.34 -7.00 -10.54
CA LYS B 196 -40.23 -5.84 -10.62
C LYS B 196 -39.47 -4.57 -11.03
N ALA B 197 -38.55 -4.78 -11.98
CA ALA B 197 -37.81 -3.73 -12.66
C ALA B 197 -38.73 -2.72 -13.35
N PRO B 198 -38.35 -1.44 -13.34
CA PRO B 198 -39.14 -0.44 -14.07
C PRO B 198 -39.15 -0.69 -15.58
N THR B 199 -38.15 -1.39 -16.12
CA THR B 199 -38.16 -1.87 -17.52
C THR B 199 -37.42 -3.20 -17.65
N ASP B 200 -37.34 -3.71 -18.88
CA ASP B 200 -36.52 -4.87 -19.19
C ASP B 200 -35.02 -4.60 -19.47
N TYR B 201 -34.65 -3.33 -19.54
CA TYR B 201 -33.28 -2.96 -19.94
C TYR B 201 -32.33 -2.95 -18.75
N CYS B 202 -31.90 -4.14 -18.34
CA CYS B 202 -31.15 -4.32 -17.09
C CYS B 202 -29.77 -4.91 -17.28
N LEU B 203 -28.79 -4.28 -16.63
CA LEU B 203 -27.45 -4.84 -16.49
C LEU B 203 -27.10 -5.18 -15.03
N VAL B 204 -26.19 -6.14 -14.84
CA VAL B 204 -25.92 -6.76 -13.56
C VAL B 204 -24.42 -6.91 -13.47
N LEU B 205 -23.87 -6.50 -12.33
CA LEU B 205 -22.44 -6.60 -12.02
C LEU B 205 -22.26 -7.50 -10.79
N LYS B 206 -21.52 -8.58 -10.99
CA LYS B 206 -21.16 -9.51 -9.91
C LYS B 206 -19.79 -10.09 -10.18
N HIS B 207 -19.12 -10.48 -9.11
CA HIS B 207 -17.91 -11.28 -9.17
C HIS B 207 -18.15 -12.52 -9.96
N PRO B 208 -17.16 -12.97 -10.74
CA PRO B 208 -17.40 -14.20 -11.46
C PRO B 208 -17.73 -15.39 -10.56
N GLN B 209 -17.21 -15.41 -9.33
CA GLN B 209 -17.29 -16.59 -8.46
C GLN B 209 -18.64 -16.77 -7.80
N ILE B 210 -19.47 -15.73 -7.83
CA ILE B 210 -20.76 -15.75 -7.20
C ILE B 210 -21.78 -16.39 -8.15
N GLN B 211 -22.51 -17.39 -7.66
CA GLN B 211 -23.37 -18.22 -8.49
C GLN B 211 -24.80 -18.34 -7.94
N LYS B 212 -25.06 -17.61 -6.85
CA LYS B 212 -26.27 -17.73 -6.04
C LYS B 212 -26.76 -16.35 -5.63
N LYS B 213 -27.93 -16.32 -4.98
CA LYS B 213 -28.51 -15.08 -4.45
C LYS B 213 -27.50 -14.44 -3.51
N SER B 214 -27.25 -13.16 -3.74
CA SER B 214 -26.25 -12.44 -2.98
C SER B 214 -26.61 -10.97 -2.95
N GLN B 215 -26.29 -10.36 -1.82
CA GLN B 215 -26.44 -8.91 -1.61
C GLN B 215 -25.37 -8.14 -2.42
N TYR B 216 -24.27 -8.82 -2.73
CA TYR B 216 -23.12 -8.23 -3.46
C TYR B 216 -23.28 -8.31 -4.99
N ILE B 217 -24.47 -8.68 -5.45
CA ILE B 217 -24.82 -8.55 -6.85
C ILE B 217 -25.45 -7.16 -6.98
N LYS B 218 -25.05 -6.38 -7.97
CA LYS B 218 -25.66 -5.06 -8.19
C LYS B 218 -26.56 -5.12 -9.40
N TYR B 219 -27.80 -4.65 -9.25
CA TYR B 219 -28.80 -4.66 -10.31
C TYR B 219 -29.15 -3.25 -10.80
N LEU B 220 -28.95 -3.02 -12.09
CA LEU B 220 -29.22 -1.71 -12.68
C LEU B 220 -30.28 -1.81 -13.77
N CYS B 221 -31.06 -0.76 -13.93
CA CYS B 221 -32.15 -0.71 -14.91
C CYS B 221 -32.16 0.62 -15.63
N CYS B 222 -32.30 0.57 -16.95
CA CYS B 222 -32.19 1.77 -17.79
C CYS B 222 -33.50 2.11 -18.48
N ASP B 223 -33.61 3.38 -18.88
CA ASP B 223 -34.86 3.92 -19.44
C ASP B 223 -35.20 3.26 -20.79
N ASP B 224 -34.18 2.94 -21.58
CA ASP B 224 -34.35 2.41 -22.94
C ASP B 224 -33.17 1.53 -23.36
N VAL B 225 -33.29 0.88 -24.51
CA VAL B 225 -32.27 -0.09 -24.93
C VAL B 225 -30.95 0.64 -25.20
N ARG B 226 -31.07 1.89 -25.62
CA ARG B 226 -29.94 2.74 -25.95
C ARG B 226 -29.09 3.03 -24.71
N THR B 227 -29.71 3.44 -23.61
CA THR B 227 -28.96 3.70 -22.39
C THR B 227 -28.23 2.41 -21.97
N LEU B 228 -28.92 1.28 -22.10
CA LEU B 228 -28.35 -0.01 -21.78
C LEU B 228 -27.09 -0.25 -22.61
N HIS B 229 -27.18 -0.03 -23.92
CA HIS B 229 -26.04 -0.23 -24.82
C HIS B 229 -24.86 0.67 -24.48
N GLN B 230 -25.14 1.95 -24.31
CA GLN B 230 -24.10 2.89 -23.94
C GLN B 230 -23.37 2.48 -22.66
N TRP B 231 -24.12 2.11 -21.64
CA TRP B 231 -23.52 1.76 -20.35
C TRP B 231 -22.70 0.51 -20.39
N VAL B 232 -23.30 -0.59 -20.84
CA VAL B 232 -22.59 -1.86 -21.01
C VAL B 232 -21.32 -1.67 -21.84
N ASN B 233 -21.40 -0.91 -22.91
CA ASN B 233 -20.20 -0.67 -23.71
C ASN B 233 -19.14 0.15 -22.98
N GLY B 234 -19.58 1.21 -22.31
CA GLY B 234 -18.69 2.01 -21.49
C GLY B 234 -17.97 1.13 -20.48
N ILE B 235 -18.75 0.42 -19.67
CA ILE B 235 -18.22 -0.51 -18.68
C ILE B 235 -17.22 -1.51 -19.25
N ARG B 236 -17.51 -2.05 -20.42
CA ARG B 236 -16.63 -2.99 -21.07
C ARG B 236 -15.27 -2.33 -21.40
N ILE B 237 -15.30 -1.21 -22.10
CA ILE B 237 -14.07 -0.43 -22.34
C ILE B 237 -13.28 -0.23 -21.05
N ALA B 238 -13.90 0.38 -20.05
CA ALA B 238 -13.25 0.58 -18.75
C ALA B 238 -12.69 -0.70 -18.10
N LYS B 239 -13.38 -1.83 -18.25
CA LYS B 239 -12.86 -3.09 -17.68
C LYS B 239 -11.73 -3.69 -18.52
N TYR B 240 -11.97 -3.86 -19.82
CA TYR B 240 -11.09 -4.62 -20.70
C TYR B 240 -10.10 -3.81 -21.53
N GLY B 241 -10.36 -2.51 -21.71
CA GLY B 241 -9.49 -1.61 -22.47
C GLY B 241 -9.08 -2.10 -23.84
N LYS B 242 -7.82 -1.84 -24.20
CA LYS B 242 -7.26 -2.11 -25.53
C LYS B 242 -7.52 -3.55 -25.98
N GLN B 243 -7.56 -4.46 -25.01
CA GLN B 243 -7.83 -5.87 -25.27
C GLN B 243 -9.11 -6.06 -26.09
N LEU B 244 -10.11 -5.20 -25.87
CA LEU B 244 -11.34 -5.28 -26.65
C LEU B 244 -11.03 -5.09 -28.12
N TYR B 245 -10.26 -4.03 -28.41
CA TYR B 245 -9.86 -3.65 -29.76
C TYR B 245 -9.01 -4.71 -30.40
N MET B 246 -8.14 -5.34 -29.62
CA MET B 246 -7.40 -6.48 -30.13
C MET B 246 -8.30 -7.66 -30.45
N ASN B 247 -9.40 -7.84 -29.70
CA ASN B 247 -10.29 -8.93 -30.00
C ASN B 247 -10.99 -8.71 -31.32
N TYR B 248 -11.40 -7.46 -31.54
CA TYR B 248 -12.12 -7.11 -32.75
C TYR B 248 -11.26 -7.37 -34.00
N GLN B 249 -10.04 -6.86 -33.98
CA GLN B 249 -9.11 -7.05 -35.09
C GLN B 249 -8.74 -8.50 -35.29
N GLU B 250 -8.61 -9.26 -34.21
CA GLU B 250 -8.40 -10.68 -34.38
C GLU B 250 -9.63 -11.36 -34.99
N ALA B 251 -10.82 -10.84 -34.70
CA ALA B 251 -12.05 -11.53 -35.10
C ALA B 251 -12.45 -11.24 -36.55
N LEU B 252 -12.07 -10.06 -37.04
CA LEU B 252 -12.63 -9.48 -38.26
C LEU B 252 -12.31 -10.21 -39.56
N VAL C 3 40.13 -15.58 23.08
CA VAL C 3 38.97 -14.63 22.95
C VAL C 3 37.61 -15.28 23.23
N LYS C 4 36.95 -14.80 24.28
CA LYS C 4 35.62 -15.30 24.68
C LYS C 4 34.51 -15.03 23.65
N LYS C 5 33.74 -16.06 23.33
CA LYS C 5 32.62 -15.93 22.39
C LYS C 5 31.26 -15.90 23.12
N LEU C 6 30.28 -15.21 22.52
CA LEU C 6 28.91 -15.19 23.06
C LEU C 6 27.87 -15.27 21.93
N VAL C 7 26.94 -16.22 22.07
CA VAL C 7 25.80 -16.28 21.12
C VAL C 7 24.66 -15.41 21.66
N ILE C 8 24.31 -14.37 20.90
CA ILE C 8 23.25 -13.42 21.28
C ILE C 8 22.02 -13.77 20.50
N ARG C 9 20.85 -13.39 21.01
CA ARG C 9 19.64 -13.50 20.23
C ARG C 9 19.26 -12.10 19.88
N VAL C 10 18.97 -11.88 18.59
CA VAL C 10 18.56 -10.59 18.07
C VAL C 10 17.18 -10.65 17.44
N HIS C 11 16.30 -9.72 17.79
CA HIS C 11 15.01 -9.61 17.12
C HIS C 11 15.09 -8.73 15.88
N MET C 12 14.70 -9.28 14.73
CA MET C 12 14.48 -8.42 13.55
C MET C 12 13.19 -7.64 13.77
N SER C 13 12.87 -6.74 12.87
CA SER C 13 11.84 -5.74 13.20
C SER C 13 10.40 -6.21 12.95
N ASP C 14 10.22 -7.52 12.81
CA ASP C 14 8.90 -8.13 12.64
C ASP C 14 8.60 -9.15 13.76
N ASP C 15 9.19 -8.94 14.93
CA ASP C 15 9.15 -9.92 16.05
C ASP C 15 9.77 -11.30 15.72
N SER C 16 10.32 -11.45 14.52
CA SER C 16 11.17 -12.60 14.16
C SER C 16 12.55 -12.50 14.85
N SER C 17 13.26 -13.62 14.90
CA SER C 17 14.32 -13.81 15.86
C SER C 17 15.44 -14.61 15.26
N LYS C 18 16.67 -14.32 15.66
CA LYS C 18 17.83 -14.95 15.05
C LYS C 18 19.01 -14.91 15.99
N THR C 19 19.82 -15.96 15.98
CA THR C 19 21.02 -16.00 16.82
C THR C 19 22.24 -15.77 15.98
N MET C 20 23.29 -15.25 16.59
N MET C 20 23.30 -15.33 16.62
CA MET C 20 24.60 -15.12 15.94
CA MET C 20 24.59 -15.24 15.97
C MET C 20 25.71 -15.08 16.98
C MET C 20 25.67 -15.19 17.02
N MET C 21 26.85 -15.67 16.65
CA MET C 21 28.01 -15.58 17.50
C MET C 21 28.68 -14.21 17.43
N VAL C 22 29.11 -13.70 18.59
CA VAL C 22 29.92 -12.50 18.69
C VAL C 22 31.12 -12.79 19.61
N ASP C 23 32.20 -12.03 19.51
CA ASP C 23 33.26 -12.19 20.49
C ASP C 23 33.48 -10.91 21.27
N GLU C 24 34.22 -11.02 22.38
CA GLU C 24 34.39 -9.92 23.33
C GLU C 24 35.25 -8.77 22.79
N ARG C 25 35.94 -8.97 21.68
CA ARG C 25 36.71 -7.87 21.09
C ARG C 25 35.89 -7.01 20.11
N GLN C 26 34.63 -7.37 19.87
CA GLN C 26 33.89 -6.76 18.75
C GLN C 26 33.09 -5.52 19.10
N THR C 27 33.14 -4.57 18.19
CA THR C 27 32.35 -3.38 18.29
C THR C 27 30.98 -3.72 17.71
N VAL C 28 29.99 -2.90 18.04
CA VAL C 28 28.69 -2.98 17.44
C VAL C 28 28.81 -2.94 15.90
N ARG C 29 29.65 -2.05 15.37
CA ARG C 29 29.93 -1.98 13.92
C ARG C 29 30.25 -3.35 13.35
N GLN C 30 31.21 -4.03 13.97
CA GLN C 30 31.57 -5.35 13.49
C GLN C 30 30.44 -6.37 13.56
N VAL C 31 29.60 -6.25 14.60
CA VAL C 31 28.42 -7.08 14.78
C VAL C 31 27.37 -6.75 13.72
N LEU C 32 27.02 -5.48 13.60
CA LEU C 32 26.16 -5.04 12.52
C LEU C 32 26.59 -5.57 11.14
N ASP C 33 27.88 -5.46 10.81
CA ASP C 33 28.40 -5.94 9.52
C ASP C 33 28.13 -7.43 9.30
N ASN C 34 28.30 -8.23 10.34
CA ASN C 34 27.93 -9.64 10.25
C ASN C 34 26.42 -9.87 10.15
N LEU C 35 25.62 -9.09 10.86
CA LEU C 35 24.17 -9.18 10.74
C LEU C 35 23.72 -8.78 9.34
N MET C 36 24.42 -7.83 8.73
CA MET C 36 24.06 -7.45 7.37
C MET C 36 24.40 -8.54 6.34
N ASP C 37 25.56 -9.18 6.50
CA ASP C 37 25.95 -10.26 5.59
C ASP C 37 25.02 -11.45 5.74
N LYS C 38 24.71 -11.79 6.99
CA LYS C 38 23.93 -12.95 7.33
C LYS C 38 22.48 -12.86 6.84
N SER C 39 21.89 -11.67 6.94
CA SER C 39 20.46 -11.51 6.69
C SER C 39 20.14 -11.16 5.24
N HIS C 40 21.16 -10.75 4.49
CA HIS C 40 21.01 -10.27 3.12
C HIS C 40 20.10 -9.09 3.04
N CYS C 41 20.14 -8.23 4.03
CA CYS C 41 19.28 -7.07 4.08
C CYS C 41 19.76 -5.93 3.18
N GLY C 42 21.06 -5.96 2.83
CA GLY C 42 21.68 -4.87 2.07
C GLY C 42 22.42 -3.90 3.00
N TYR C 43 23.59 -3.47 2.57
CA TYR C 43 24.44 -2.61 3.37
C TYR C 43 23.90 -1.18 3.50
N SER C 44 23.99 -0.62 4.70
CA SER C 44 23.63 0.75 4.99
C SER C 44 24.19 1.17 6.32
N LEU C 45 24.52 2.44 6.45
CA LEU C 45 25.03 2.97 7.71
C LEU C 45 23.93 3.10 8.74
N ASP C 46 22.66 3.00 8.30
CA ASP C 46 21.50 3.16 9.19
C ASP C 46 21.01 1.89 9.93
N TRP C 47 21.45 0.69 9.51
CA TRP C 47 21.18 -0.53 10.26
C TRP C 47 21.76 -0.35 11.61
N SER C 48 21.00 -0.68 12.64
CA SER C 48 21.37 -0.33 14.00
C SER C 48 21.09 -1.48 14.99
N LEU C 49 21.88 -1.53 16.04
CA LEU C 49 21.61 -2.42 17.11
C LEU C 49 21.01 -1.57 18.18
N VAL C 50 19.81 -1.95 18.61
CA VAL C 50 19.03 -1.25 19.60
C VAL C 50 18.86 -2.19 20.79
N GLU C 51 19.00 -1.65 21.99
CA GLU C 51 18.69 -2.39 23.21
C GLU C 51 17.49 -1.74 23.93
N THR C 52 16.55 -2.53 24.41
CA THR C 52 15.50 -2.00 25.27
C THR C 52 15.88 -2.33 26.71
N VAL C 53 15.53 -1.49 27.66
CA VAL C 53 15.66 -1.89 29.06
C VAL C 53 14.28 -2.12 29.65
N SER C 54 13.95 -3.40 29.81
CA SER C 54 12.62 -3.86 30.19
C SER C 54 11.97 -3.10 31.31
N GLU C 55 12.60 -3.17 32.48
CA GLU C 55 12.05 -2.64 33.72
C GLU C 55 11.75 -1.14 33.62
N LEU C 56 12.38 -0.48 32.64
CA LEU C 56 12.31 0.97 32.54
C LEU C 56 11.58 1.50 31.30
N GLN C 57 11.10 0.61 30.45
CA GLN C 57 10.28 0.96 29.26
C GLN C 57 10.98 2.04 28.41
N MET C 58 12.25 1.80 28.13
CA MET C 58 13.04 2.74 27.35
C MET C 58 13.99 1.99 26.41
N GLU C 59 14.54 2.69 25.43
CA GLU C 59 15.46 2.02 24.52
C GLU C 59 16.64 2.89 24.15
N ARG C 60 17.69 2.25 23.68
CA ARG C 60 18.89 2.97 23.27
C ARG C 60 19.41 2.37 21.98
N ILE C 61 19.71 3.22 21.00
CA ILE C 61 20.55 2.82 19.85
C ILE C 61 22.05 2.88 20.26
N PHE C 62 22.73 1.75 20.20
CA PHE C 62 24.15 1.68 20.47
C PHE C 62 24.95 2.52 19.52
N GLU C 63 25.98 3.19 20.03
CA GLU C 63 26.98 3.78 19.17
C GLU C 63 27.85 2.65 18.64
N ASP C 64 28.28 2.80 17.39
CA ASP C 64 28.93 1.75 16.62
C ASP C 64 30.30 1.33 17.08
N HIS C 65 30.95 2.19 17.84
CA HIS C 65 32.26 1.90 18.40
C HIS C 65 32.20 1.09 19.69
N GLU C 66 31.00 0.97 20.26
CA GLU C 66 30.85 0.39 21.59
C GLU C 66 31.08 -1.12 21.56
N ASN C 67 31.67 -1.62 22.64
CA ASN C 67 31.86 -3.04 22.82
C ASN C 67 30.53 -3.68 23.25
N LEU C 68 30.00 -4.55 22.42
CA LEU C 68 28.70 -5.14 22.68
C LEU C 68 28.70 -6.04 23.91
N VAL C 69 29.71 -6.89 24.01
CA VAL C 69 29.75 -7.85 25.10
C VAL C 69 29.80 -7.13 26.44
N GLU C 70 30.65 -6.12 26.53
CA GLU C 70 30.85 -5.39 27.77
C GLU C 70 29.62 -4.59 28.17
N ASN C 71 28.85 -4.16 27.19
CA ASN C 71 27.58 -3.57 27.49
C ASN C 71 26.56 -4.58 27.97
N LEU C 72 26.62 -5.80 27.45
CA LEU C 72 25.69 -6.84 27.83
C LEU C 72 25.90 -7.21 29.28
N LEU C 73 27.16 -7.27 29.66
CA LEU C 73 27.52 -7.50 31.05
C LEU C 73 26.76 -6.64 32.04
N ASN C 74 26.29 -5.48 31.61
CA ASN C 74 25.50 -4.61 32.45
C ASN C 74 24.10 -5.13 32.74
N TRP C 75 23.60 -5.98 31.85
CA TRP C 75 22.28 -6.60 32.01
C TRP C 75 22.34 -7.51 33.20
N THR C 76 21.19 -7.76 33.82
CA THR C 76 21.08 -8.68 34.95
C THR C 76 20.97 -10.10 34.43
N ARG C 77 21.34 -11.08 35.25
CA ARG C 77 21.43 -12.46 34.77
C ARG C 77 20.09 -12.98 34.19
N ASP C 78 18.98 -12.50 34.75
CA ASP C 78 17.63 -12.85 34.30
C ASP C 78 16.92 -11.67 33.60
N SER C 79 17.70 -10.82 32.93
CA SER C 79 17.20 -9.61 32.27
C SER C 79 16.14 -9.88 31.22
N GLN C 80 15.22 -8.93 31.08
CA GLN C 80 14.16 -9.01 30.07
C GLN C 80 14.47 -8.12 28.85
N ASN C 81 15.61 -7.43 28.88
CA ASN C 81 16.04 -6.58 27.75
C ASN C 81 16.15 -7.35 26.44
N LYS C 82 15.93 -6.64 25.35
CA LYS C 82 16.02 -7.22 24.03
C LYS C 82 17.11 -6.48 23.23
N LEU C 83 17.75 -7.21 22.32
CA LEU C 83 18.55 -6.61 21.29
C LEU C 83 17.68 -6.59 20.04
N ILE C 84 17.73 -5.48 19.30
CA ILE C 84 16.99 -5.38 18.04
C ILE C 84 17.84 -4.84 16.88
N PHE C 85 17.79 -5.55 15.76
CA PHE C 85 18.48 -5.20 14.53
C PHE C 85 17.46 -4.56 13.61
N MET C 86 17.60 -3.26 13.38
CA MET C 86 16.65 -2.45 12.58
C MET C 86 17.29 -1.18 12.03
N GLU C 87 16.70 -0.60 10.99
CA GLU C 87 17.16 0.68 10.44
C GLU C 87 16.76 1.82 11.35
N ARG C 88 17.74 2.58 11.80
CA ARG C 88 17.42 3.76 12.62
C ARG C 88 18.04 5.02 12.02
N ILE C 89 17.30 5.75 11.20
CA ILE C 89 17.84 6.97 10.60
C ILE C 89 18.30 7.99 11.67
N GLU C 90 17.75 7.92 12.88
CA GLU C 90 18.12 8.82 13.94
C GLU C 90 19.61 8.80 14.21
N LYS C 91 20.26 7.65 14.00
CA LYS C 91 21.65 7.51 14.49
C LYS C 91 22.63 8.47 13.80
N TYR C 92 22.45 8.68 12.49
CA TYR C 92 23.42 9.47 11.70
C TYR C 92 22.80 10.69 11.02
N ALA C 93 21.56 10.99 11.37
CA ALA C 93 20.85 12.15 10.90
C ALA C 93 21.70 13.42 11.00
N LEU C 94 22.35 13.61 12.15
CA LEU C 94 23.14 14.82 12.38
C LEU C 94 24.25 15.02 11.37
N PHE C 95 24.82 13.91 10.91
CA PHE C 95 25.84 13.96 9.87
C PHE C 95 25.33 14.26 8.47
N LYS C 96 24.09 13.90 8.18
CA LYS C 96 23.54 14.12 6.85
C LYS C 96 23.10 15.58 6.74
N ASN C 97 22.69 16.15 7.86
CA ASN C 97 22.16 17.50 7.87
C ASN C 97 22.64 18.30 9.07
N PRO C 98 23.96 18.49 9.18
CA PRO C 98 24.50 19.17 10.35
C PRO C 98 23.92 20.54 10.55
N GLN C 99 23.46 21.18 9.47
CA GLN C 99 22.90 22.54 9.55
C GLN C 99 21.68 22.50 10.46
N ASN C 100 21.06 21.32 10.55
CA ASN C 100 19.91 21.11 11.41
C ASN C 100 20.22 20.66 12.85
N TYR C 101 21.50 20.42 13.15
CA TYR C 101 21.85 19.89 14.46
C TYR C 101 22.98 20.62 15.14
N LEU C 102 24.01 21.01 14.38
CA LEU C 102 25.15 21.71 14.98
C LEU C 102 24.95 23.21 15.14
N LEU C 103 23.85 23.73 14.60
CA LEU C 103 23.48 25.14 14.75
C LEU C 103 22.19 25.18 15.54
N GLY C 104 21.97 26.29 16.25
CA GLY C 104 21.01 26.35 17.33
C GLY C 104 19.55 26.46 16.96
N LYS C 105 19.25 27.10 15.83
CA LYS C 105 17.88 27.34 15.37
C LYS C 105 16.91 26.14 15.43
N LYS C 106 15.63 26.43 15.65
CA LYS C 106 14.63 25.39 15.74
C LYS C 106 14.18 24.90 14.36
N GLU C 107 14.05 25.83 13.42
CA GLU C 107 13.61 25.53 12.05
C GLU C 107 14.64 24.66 11.31
N THR C 108 14.16 23.78 10.45
CA THR C 108 15.07 23.06 9.62
C THR C 108 15.34 23.83 8.33
N ALA C 109 16.49 23.54 7.71
CA ALA C 109 16.92 24.22 6.50
C ALA C 109 17.77 23.29 5.66
N GLU C 110 17.99 23.71 4.42
CA GLU C 110 18.97 23.06 3.54
C GLU C 110 20.37 23.64 3.69
N MET C 111 21.35 22.93 3.14
CA MET C 111 22.72 23.44 3.09
C MET C 111 23.46 22.71 2.02
N ALA C 112 24.25 23.48 1.26
CA ALA C 112 25.10 22.97 0.18
C ALA C 112 26.13 21.98 0.74
N ASP C 113 26.41 20.93 -0.03
CA ASP C 113 27.26 19.81 0.41
C ASP C 113 28.64 20.17 0.99
N ARG C 114 29.36 21.04 0.30
CA ARG C 114 30.67 21.40 0.77
C ARG C 114 30.62 22.14 2.10
N ASN C 115 29.53 22.86 2.36
CA ASN C 115 29.36 23.54 3.65
C ASN C 115 28.95 22.54 4.75
N LYS C 116 28.24 21.48 4.39
CA LYS C 116 28.01 20.41 5.37
C LYS C 116 29.35 19.87 5.91
N GLU C 117 30.23 19.42 5.02
CA GLU C 117 31.58 19.02 5.42
C GLU C 117 32.30 20.07 6.31
N VAL C 118 32.46 21.31 5.81
CA VAL C 118 33.04 22.38 6.61
C VAL C 118 32.50 22.34 8.05
N LEU C 119 31.17 22.34 8.17
CA LEU C 119 30.51 22.44 9.44
C LEU C 119 30.88 21.25 10.33
N LEU C 120 30.88 20.04 9.74
CA LEU C 120 31.25 18.84 10.49
C LEU C 120 32.71 18.88 10.94
N GLU C 121 33.57 19.40 10.09
CA GLU C 121 34.96 19.58 10.46
C GLU C 121 35.13 20.58 11.59
N GLU C 122 34.45 21.72 11.50
CA GLU C 122 34.53 22.73 12.56
C GLU C 122 34.08 22.18 13.91
N CYS C 123 33.09 21.28 13.91
CA CYS C 123 32.56 20.78 15.17
C CYS C 123 33.43 19.72 15.81
N PHE C 124 33.91 18.79 14.99
CA PHE C 124 34.58 17.58 15.47
C PHE C 124 36.09 17.53 15.36
N CYS C 125 36.65 18.18 14.34
CA CYS C 125 38.07 17.98 13.99
C CYS C 125 39.09 19.00 14.55
N GLY C 126 38.68 19.83 15.50
CA GLY C 126 39.62 20.73 16.17
C GLY C 126 40.32 20.01 17.31
N SER C 127 41.14 20.74 18.05
CA SER C 127 41.76 20.20 19.28
C SER C 127 40.71 19.58 20.21
N SER C 128 39.58 20.27 20.38
CA SER C 128 38.44 19.76 21.14
C SER C 128 37.11 19.89 20.38
N VAL C 129 36.12 19.11 20.78
CA VAL C 129 34.80 19.21 20.18
C VAL C 129 34.17 20.54 20.56
N THR C 130 33.75 21.31 19.56
CA THR C 130 32.96 22.50 19.79
C THR C 130 31.50 22.04 19.80
N VAL C 131 30.95 21.95 21.01
CA VAL C 131 29.59 21.49 21.21
C VAL C 131 28.61 22.62 20.87
N PRO C 132 27.60 22.32 20.04
CA PRO C 132 26.57 23.29 19.73
C PRO C 132 25.84 23.86 20.96
N GLU C 133 25.56 25.15 20.90
CA GLU C 133 24.80 25.82 21.93
C GLU C 133 23.33 25.50 21.72
N ILE C 134 22.93 24.36 22.30
CA ILE C 134 21.52 23.97 22.37
C ILE C 134 20.97 24.49 23.69
N GLU C 135 19.86 25.22 23.63
CA GLU C 135 19.22 25.79 24.82
C GLU C 135 17.73 26.02 24.65
N GLY C 136 16.98 25.84 25.73
CA GLY C 136 15.54 26.05 25.71
C GLY C 136 14.93 25.40 26.93
N VAL C 137 13.63 25.58 27.09
CA VAL C 137 12.90 25.07 28.25
C VAL C 137 12.44 23.65 27.96
N LEU C 138 12.67 22.73 28.89
CA LEU C 138 12.17 21.37 28.80
C LEU C 138 11.46 21.06 30.10
N TRP C 139 10.63 20.02 30.09
CA TRP C 139 9.99 19.57 31.31
C TRP C 139 10.92 18.64 31.98
N LEU C 140 10.98 18.71 33.31
CA LEU C 140 11.74 17.76 34.13
C LEU C 140 10.78 17.05 35.08
N LYS C 141 10.99 15.75 35.27
CA LYS C 141 10.16 14.98 36.20
C LYS C 141 10.67 15.12 37.64
N ASP C 142 9.74 15.27 38.59
CA ASP C 142 10.08 15.20 40.00
C ASP C 142 10.48 13.77 40.36
N ASP C 143 11.42 13.64 41.31
CA ASP C 143 11.88 12.33 41.77
C ASP C 143 10.78 11.55 42.49
N GLY C 144 10.62 10.29 42.09
CA GLY C 144 9.64 9.39 42.69
C GLY C 144 8.20 9.70 42.34
N LYS C 145 7.98 10.78 41.58
CA LYS C 145 6.61 11.27 41.34
C LYS C 145 6.23 11.33 39.86
N LYS C 146 4.92 11.41 39.61
CA LYS C 146 4.40 11.45 38.26
C LYS C 146 3.94 12.88 37.98
N SER C 147 4.86 13.82 38.11
CA SER C 147 4.60 15.23 37.84
C SER C 147 5.88 15.87 37.36
N TRP C 148 5.76 17.03 36.73
CA TRP C 148 6.81 17.59 35.87
C TRP C 148 6.85 19.08 35.93
N LYS C 149 8.05 19.67 35.88
CA LYS C 149 8.10 21.13 35.77
C LYS C 149 9.18 21.68 34.86
N LYS C 150 8.86 22.83 34.28
CA LYS C 150 9.74 23.50 33.31
C LYS C 150 11.03 24.00 33.96
N ARG C 151 12.17 23.68 33.33
CA ARG C 151 13.44 24.32 33.68
C ARG C 151 14.13 24.79 32.40
N TYR C 152 14.93 25.85 32.48
CA TYR C 152 15.61 26.35 31.29
C TYR C 152 16.97 25.70 31.21
N PHE C 153 17.16 24.88 30.17
CA PHE C 153 18.38 24.07 30.04
C PHE C 153 19.32 24.62 28.97
N LEU C 154 20.63 24.50 29.26
CA LEU C 154 21.71 24.75 28.29
C LEU C 154 22.64 23.56 28.22
N LEU C 155 22.97 23.18 26.99
CA LEU C 155 24.03 22.22 26.79
C LEU C 155 25.36 22.95 26.55
N ARG C 156 26.36 22.55 27.31
CA ARG C 156 27.73 23.03 27.16
C ARG C 156 28.65 21.85 26.95
N ALA C 157 29.94 22.08 26.72
CA ALA C 157 30.90 20.99 26.53
C ALA C 157 30.93 20.05 27.74
N SER C 158 30.81 20.63 28.93
CA SER C 158 31.04 19.92 30.17
C SER C 158 29.79 19.30 30.81
N GLY C 159 28.71 19.18 30.03
CA GLY C 159 27.45 18.66 30.56
C GLY C 159 26.23 19.54 30.32
N ILE C 160 25.10 19.18 30.93
CA ILE C 160 23.85 19.92 30.81
C ILE C 160 23.68 20.79 32.02
N TYR C 161 23.17 22.00 31.81
CA TYR C 161 23.07 23.02 32.86
C TYR C 161 21.61 23.47 33.09
N TYR C 162 21.32 24.10 34.26
CA TYR C 162 19.96 24.45 34.75
C TYR C 162 19.86 25.10 36.17
N VAL C 163 18.74 25.78 36.44
CA VAL C 163 18.33 26.17 37.82
C VAL C 163 17.16 25.26 38.28
N PRO C 164 17.05 25.00 39.62
CA PRO C 164 15.86 24.31 40.14
C PRO C 164 14.95 25.23 40.95
N VAL C 175 24.05 27.08 36.63
CA VAL C 175 24.40 25.98 37.53
C VAL C 175 24.41 24.66 36.78
N CYS C 176 25.22 23.69 37.23
CA CYS C 176 25.35 22.40 36.51
C CYS C 176 24.25 21.39 36.86
N PHE C 177 23.57 20.90 35.83
CA PHE C 177 22.52 19.88 36.01
C PHE C 177 23.03 18.45 35.96
N LEU C 178 23.70 18.07 34.86
CA LEU C 178 24.35 16.77 34.82
C LEU C 178 25.58 16.68 33.94
N GLN C 179 26.56 15.93 34.45
CA GLN C 179 27.76 15.55 33.70
C GLN C 179 27.50 14.26 32.92
N LEU C 180 27.89 14.27 31.65
CA LEU C 180 27.50 13.23 30.72
C LEU C 180 28.41 12.00 30.70
N ASP C 181 29.60 12.12 31.29
CA ASP C 181 30.59 11.04 31.37
C ASP C 181 30.13 9.61 31.62
N HIS C 182 29.20 9.45 32.56
CA HIS C 182 28.77 8.13 32.99
C HIS C 182 27.29 7.90 32.87
N VAL C 183 26.63 8.70 32.05
CA VAL C 183 25.22 8.42 31.70
C VAL C 183 25.07 8.14 30.21
N ASN C 184 24.21 7.18 29.90
CA ASN C 184 23.71 6.99 28.54
C ASN C 184 22.39 7.78 28.37
N VAL C 185 22.02 8.06 27.13
CA VAL C 185 20.77 8.72 26.82
C VAL C 185 19.90 7.65 26.15
N TYR C 186 18.62 7.60 26.54
CA TYR C 186 17.64 6.61 26.07
C TYR C 186 16.37 7.33 25.66
N TYR C 187 15.60 6.76 24.75
CA TYR C 187 14.25 7.23 24.48
C TYR C 187 13.25 6.50 25.35
N GLY C 188 12.37 7.24 26.00
CA GLY C 188 11.22 6.63 26.69
C GLY C 188 10.07 6.25 25.76
N GLN C 189 9.39 5.15 26.06
CA GLN C 189 8.16 4.78 25.37
C GLN C 189 6.97 5.02 26.28
N ASP C 190 5.92 5.61 25.74
CA ASP C 190 4.63 5.68 26.41
C ASP C 190 4.65 6.37 27.79
N TYR C 191 5.46 7.41 27.89
CA TYR C 191 5.56 8.18 29.12
C TYR C 191 4.36 9.11 29.36
N ARG C 192 3.51 9.28 28.33
CA ARG C 192 2.21 9.89 28.58
C ARG C 192 1.43 9.03 29.56
N ASN C 193 1.39 7.71 29.33
CA ASN C 193 0.71 6.77 30.22
C ASN C 193 1.40 6.55 31.58
N LYS C 194 2.68 6.20 31.54
CA LYS C 194 3.38 5.66 32.69
C LYS C 194 3.81 6.71 33.71
N TYR C 195 4.06 7.92 33.24
CA TYR C 195 4.57 8.96 34.13
C TYR C 195 3.84 10.27 33.98
N LYS C 196 2.68 10.21 33.31
CA LYS C 196 1.87 11.39 33.08
C LYS C 196 2.72 12.50 32.44
N ALA C 197 3.65 12.12 31.56
CA ALA C 197 4.52 13.07 30.90
C ALA C 197 3.67 13.92 29.98
N PRO C 198 3.91 15.24 29.96
CA PRO C 198 3.15 16.16 29.11
C PRO C 198 3.03 15.70 27.65
N THR C 199 4.12 15.20 27.06
CA THR C 199 4.18 14.62 25.70
C THR C 199 4.88 13.23 25.73
N ASP C 200 4.94 12.56 24.58
CA ASP C 200 5.68 11.28 24.48
C ASP C 200 7.13 11.41 24.04
N TYR C 201 7.53 12.62 23.72
CA TYR C 201 8.89 12.91 23.30
C TYR C 201 9.76 13.01 24.55
N CYS C 202 10.17 11.86 25.10
CA CYS C 202 10.93 11.87 26.34
C CYS C 202 12.33 11.32 26.17
N LEU C 203 13.28 11.90 26.87
CA LEU C 203 14.62 11.33 26.91
C LEU C 203 15.01 10.99 28.33
N VAL C 204 15.88 10.00 28.47
CA VAL C 204 16.27 9.55 29.78
C VAL C 204 17.76 9.44 29.87
N LEU C 205 18.29 9.88 30.99
CA LEU C 205 19.73 9.79 31.26
C LEU C 205 19.89 8.98 32.53
N LYS C 206 20.68 7.91 32.44
CA LYS C 206 21.01 7.08 33.59
C LYS C 206 22.33 6.32 33.34
N HIS C 207 22.99 5.91 34.42
CA HIS C 207 24.14 5.00 34.39
C HIS C 207 23.83 3.71 33.66
N PRO C 208 24.79 3.17 32.87
CA PRO C 208 24.55 1.94 32.12
C PRO C 208 24.12 0.81 33.04
N GLN C 209 24.61 0.83 34.26
CA GLN C 209 24.40 -0.29 35.18
C GLN C 209 23.05 -0.30 35.90
N ILE C 210 22.29 0.78 35.82
CA ILE C 210 21.00 0.81 36.47
C ILE C 210 19.96 0.14 35.59
N GLN C 211 19.45 -0.99 36.08
CA GLN C 211 18.62 -1.89 35.27
C GLN C 211 17.20 -2.08 35.81
N LYS C 212 16.96 -1.57 37.01
CA LYS C 212 15.65 -1.67 37.65
C LYS C 212 15.22 -0.29 38.09
N LYS C 213 14.10 -0.27 38.79
CA LYS C 213 13.51 0.97 39.26
C LYS C 213 14.48 1.72 40.17
N SER C 214 14.67 3.00 39.87
CA SER C 214 15.64 3.81 40.56
C SER C 214 15.24 5.26 40.70
N GLN C 215 15.75 5.89 41.75
CA GLN C 215 15.65 7.31 41.93
C GLN C 215 16.73 8.02 41.10
N TYR C 216 17.78 7.30 40.72
CA TYR C 216 18.94 7.90 40.06
C TYR C 216 18.80 7.91 38.53
N ILE C 217 17.70 8.46 38.05
CA ILE C 217 17.43 8.59 36.63
C ILE C 217 16.81 9.95 36.39
N LYS C 218 17.31 10.66 35.39
CA LYS C 218 16.70 11.90 34.96
C LYS C 218 15.70 11.61 33.85
N TYR C 219 14.50 12.15 33.96
CA TYR C 219 13.49 11.97 32.93
C TYR C 219 13.14 13.35 32.39
N LEU C 220 13.39 13.55 31.11
CA LEU C 220 13.03 14.82 30.49
C LEU C 220 11.95 14.59 29.43
N CYS C 221 11.21 15.65 29.13
CA CYS C 221 10.14 15.58 28.16
C CYS C 221 10.20 16.87 27.35
N CYS C 222 10.07 16.74 26.03
CA CYS C 222 10.11 17.86 25.09
C CYS C 222 8.75 18.12 24.48
N ASP C 223 8.52 19.37 24.11
CA ASP C 223 7.23 19.79 23.57
C ASP C 223 6.94 19.24 22.16
N ASP C 224 7.97 18.77 21.45
CA ASP C 224 7.83 18.21 20.10
C ASP C 224 9.01 17.30 19.74
N VAL C 225 8.85 16.48 18.72
CA VAL C 225 9.87 15.51 18.32
C VAL C 225 11.19 16.23 17.93
N ARG C 226 11.05 17.41 17.34
CA ARG C 226 12.19 18.20 16.89
C ARG C 226 13.08 18.59 18.06
N THR C 227 12.48 18.99 19.17
CA THR C 227 13.24 19.44 20.34
C THR C 227 14.01 18.25 20.89
N LEU C 228 13.33 17.10 20.87
CA LEU C 228 13.89 15.88 21.37
C LEU C 228 15.12 15.53 20.56
N HIS C 229 14.98 15.56 19.23
CA HIS C 229 16.09 15.31 18.30
C HIS C 229 17.23 16.26 18.50
N GLN C 230 16.91 17.52 18.71
CA GLN C 230 17.91 18.51 18.98
C GLN C 230 18.71 18.17 20.23
N TRP C 231 18.02 17.71 21.28
CA TRP C 231 18.68 17.42 22.57
C TRP C 231 19.50 16.20 22.58
N VAL C 232 18.90 15.08 22.19
CA VAL C 232 19.60 13.79 22.16
C VAL C 232 20.84 13.87 21.27
N ASN C 233 20.73 14.57 20.15
CA ASN C 233 21.89 14.74 19.26
C ASN C 233 22.96 15.63 19.89
N GLY C 234 22.52 16.74 20.49
CA GLY C 234 23.43 17.65 21.21
C GLY C 234 24.17 16.87 22.28
N ILE C 235 23.43 16.07 23.04
CA ILE C 235 23.98 15.25 24.13
C ILE C 235 24.98 14.25 23.60
N ARG C 236 24.63 13.54 22.52
CA ARG C 236 25.53 12.55 21.94
C ARG C 236 26.85 13.21 21.53
N ILE C 237 26.79 14.32 20.80
CA ILE C 237 27.97 15.14 20.50
C ILE C 237 28.76 15.46 21.75
N ALA C 238 28.10 15.99 22.77
CA ALA C 238 28.79 16.36 24.02
C ALA C 238 29.47 15.16 24.69
N LYS C 239 28.88 13.98 24.58
CA LYS C 239 29.36 12.82 25.31
C LYS C 239 30.43 12.06 24.53
N TYR C 240 30.14 11.78 23.26
CA TYR C 240 31.01 10.87 22.51
C TYR C 240 32.04 11.60 21.64
N GLY C 241 31.86 12.91 21.47
CA GLY C 241 32.73 13.77 20.67
C GLY C 241 33.12 13.30 19.29
N LYS C 242 34.41 13.37 19.01
CA LYS C 242 34.95 13.05 17.69
C LYS C 242 34.67 11.59 17.27
N GLN C 243 34.59 10.69 18.26
CA GLN C 243 34.31 9.30 18.03
C GLN C 243 33.06 9.11 17.19
N LEU C 244 32.05 9.96 17.41
CA LEU C 244 30.81 9.88 16.64
C LEU C 244 31.09 10.07 15.17
N TYR C 245 31.90 11.08 14.87
CA TYR C 245 32.27 11.43 13.52
C TYR C 245 33.13 10.34 12.90
N MET C 246 33.97 9.71 13.73
CA MET C 246 34.72 8.53 13.28
C MET C 246 33.79 7.36 12.98
N ASN C 247 32.72 7.18 13.77
CA ASN C 247 31.77 6.11 13.51
C ASN C 247 31.03 6.30 12.19
N TYR C 248 30.61 7.54 11.95
CA TYR C 248 29.97 7.91 10.70
C TYR C 248 30.82 7.52 9.47
N GLN C 249 32.08 7.93 9.46
CA GLN C 249 32.95 7.67 8.32
C GLN C 249 33.32 6.21 8.17
N GLU C 250 33.52 5.54 9.30
CA GLU C 250 33.68 4.11 9.25
C GLU C 250 32.44 3.47 8.61
N ALA C 251 31.25 3.99 8.88
CA ALA C 251 30.02 3.35 8.36
C ALA C 251 29.67 3.70 6.91
N LEU C 252 30.07 4.88 6.44
CA LEU C 252 29.49 5.44 5.22
C LEU C 252 30.01 4.78 3.95
N VAL D 3 2.70 -16.50 16.65
CA VAL D 3 1.52 -15.57 16.49
C VAL D 3 0.18 -16.23 16.79
N LYS D 4 -0.52 -15.69 17.78
CA LYS D 4 -1.80 -16.25 18.21
C LYS D 4 -2.95 -15.98 17.22
N LYS D 5 -3.74 -17.02 16.97
CA LYS D 5 -4.84 -16.91 16.01
C LYS D 5 -6.20 -16.89 16.73
N LEU D 6 -7.17 -16.20 16.13
CA LEU D 6 -8.55 -16.24 16.66
C LEU D 6 -9.56 -16.32 15.51
N VAL D 7 -10.53 -17.22 15.65
CA VAL D 7 -11.67 -17.24 14.72
C VAL D 7 -12.81 -16.36 15.26
N ILE D 8 -13.14 -15.29 14.53
CA ILE D 8 -14.22 -14.37 14.90
C ILE D 8 -15.48 -14.69 14.09
N ARG D 9 -16.63 -14.34 14.66
CA ARG D 9 -17.90 -14.36 13.93
C ARG D 9 -18.24 -12.94 13.50
N VAL D 10 -18.56 -12.78 12.23
CA VAL D 10 -18.99 -11.48 11.74
C VAL D 10 -20.40 -11.52 11.14
N HIS D 11 -21.21 -10.50 11.43
CA HIS D 11 -22.53 -10.35 10.79
C HIS D 11 -22.46 -9.49 9.56
N MET D 12 -22.96 -10.01 8.44
CA MET D 12 -22.97 -9.24 7.16
C MET D 12 -24.23 -8.40 7.12
N SER D 13 -24.47 -7.73 5.99
CA SER D 13 -25.50 -6.66 5.92
C SER D 13 -26.95 -7.13 6.07
N ASP D 14 -27.29 -8.28 5.46
CA ASP D 14 -28.48 -9.06 5.86
C ASP D 14 -28.16 -9.65 7.23
N ASP D 15 -29.01 -10.49 7.81
CA ASP D 15 -28.65 -10.99 9.14
C ASP D 15 -27.70 -12.23 9.13
N SER D 16 -27.11 -12.55 7.98
CA SER D 16 -26.20 -13.69 7.86
C SER D 16 -24.84 -13.44 8.51
N SER D 17 -24.21 -14.52 8.92
CA SER D 17 -22.96 -14.44 9.61
C SER D 17 -21.96 -15.35 8.97
N LYS D 18 -20.68 -15.05 9.17
CA LYS D 18 -19.60 -15.83 8.59
C LYS D 18 -18.49 -15.83 9.61
N THR D 19 -17.73 -16.92 9.69
CA THR D 19 -16.56 -16.90 10.55
C THR D 19 -15.34 -16.61 9.73
N MET D 20 -14.30 -16.11 10.39
CA MET D 20 -13.00 -16.06 9.76
C MET D 20 -11.89 -15.94 10.78
N MET D 21 -10.73 -16.45 10.40
CA MET D 21 -9.55 -16.39 11.22
C MET D 21 -8.83 -15.05 11.08
N VAL D 22 -8.44 -14.50 12.24
CA VAL D 22 -7.64 -13.31 12.35
C VAL D 22 -6.44 -13.66 13.22
N ASP D 23 -5.34 -12.93 13.13
CA ASP D 23 -4.27 -13.11 14.08
C ASP D 23 -3.99 -11.84 14.88
N GLU D 24 -3.25 -12.01 15.98
CA GLU D 24 -3.08 -10.96 16.97
C GLU D 24 -2.25 -9.75 16.46
N ARG D 25 -1.64 -9.87 15.30
CA ARG D 25 -0.88 -8.74 14.78
C ARG D 25 -1.70 -7.90 13.78
N GLN D 26 -2.93 -8.30 13.49
CA GLN D 26 -3.62 -7.73 12.34
C GLN D 26 -4.38 -6.47 12.68
N THR D 27 -4.31 -5.50 11.78
CA THR D 27 -5.12 -4.32 11.91
C THR D 27 -6.49 -4.64 11.35
N VAL D 28 -7.46 -3.79 11.67
CA VAL D 28 -8.80 -3.86 11.13
C VAL D 28 -8.75 -3.81 9.60
N ARG D 29 -7.88 -2.97 9.07
CA ARG D 29 -7.64 -2.86 7.65
C ARG D 29 -7.31 -4.22 7.05
N GLN D 30 -6.34 -4.89 7.63
CA GLN D 30 -5.96 -6.20 7.16
C GLN D 30 -7.11 -7.19 7.22
N VAL D 31 -7.93 -7.09 8.27
CA VAL D 31 -9.09 -7.94 8.49
C VAL D 31 -10.19 -7.63 7.46
N LEU D 32 -10.49 -6.36 7.27
CA LEU D 32 -11.42 -5.96 6.22
C LEU D 32 -10.99 -6.45 4.82
N ASP D 33 -9.70 -6.38 4.53
CA ASP D 33 -9.18 -6.82 3.24
C ASP D 33 -9.47 -8.29 2.98
N ASN D 34 -9.36 -9.09 4.03
CA ASN D 34 -9.76 -10.49 3.97
C ASN D 34 -11.28 -10.67 3.88
N LEU D 35 -12.05 -9.86 4.58
CA LEU D 35 -13.51 -9.96 4.46
C LEU D 35 -13.94 -9.62 3.03
N MET D 36 -13.30 -8.64 2.43
CA MET D 36 -13.57 -8.28 1.04
C MET D 36 -13.22 -9.39 0.05
N ASP D 37 -12.08 -10.05 0.25
CA ASP D 37 -11.65 -11.12 -0.64
C ASP D 37 -12.54 -12.34 -0.55
N LYS D 38 -12.87 -12.74 0.66
CA LYS D 38 -13.61 -13.97 0.84
C LYS D 38 -15.08 -13.86 0.43
N SER D 39 -15.61 -12.64 0.47
CA SER D 39 -17.02 -12.42 0.26
C SER D 39 -17.36 -12.06 -1.17
N HIS D 40 -16.35 -11.57 -1.89
CA HIS D 40 -16.48 -11.09 -3.29
C HIS D 40 -17.40 -9.90 -3.38
N CYS D 41 -17.38 -9.06 -2.36
CA CYS D 41 -18.25 -7.89 -2.31
C CYS D 41 -17.74 -6.73 -3.17
N GLY D 42 -16.49 -6.84 -3.62
CA GLY D 42 -15.82 -5.78 -4.40
C GLY D 42 -15.14 -4.81 -3.47
N TYR D 43 -13.98 -4.31 -3.89
CA TYR D 43 -13.20 -3.39 -3.06
C TYR D 43 -13.76 -1.98 -2.92
N SER D 44 -13.66 -1.44 -1.71
CA SER D 44 -14.04 -0.07 -1.36
C SER D 44 -13.49 0.30 0.00
N LEU D 45 -13.14 1.57 0.12
CA LEU D 45 -12.61 2.12 1.35
C LEU D 45 -13.72 2.27 2.39
N ASP D 46 -14.98 2.22 1.95
CA ASP D 46 -16.15 2.42 2.84
C ASP D 46 -16.62 1.17 3.60
N TRP D 47 -16.15 -0.02 3.18
CA TRP D 47 -16.39 -1.27 3.91
C TRP D 47 -15.81 -1.14 5.28
N SER D 48 -16.60 -1.40 6.30
CA SER D 48 -16.21 -1.12 7.67
C SER D 48 -16.47 -2.26 8.64
N LEU D 49 -15.71 -2.28 9.72
CA LEU D 49 -15.94 -3.19 10.78
C LEU D 49 -16.54 -2.36 11.88
N VAL D 50 -17.73 -2.77 12.30
CA VAL D 50 -18.50 -2.11 13.31
C VAL D 50 -18.64 -3.08 14.50
N GLU D 51 -18.44 -2.57 15.72
CA GLU D 51 -18.76 -3.35 16.93
C GLU D 51 -19.96 -2.71 17.62
N THR D 52 -20.89 -3.53 18.12
CA THR D 52 -21.91 -3.00 18.98
C THR D 52 -21.50 -3.31 20.43
N VAL D 53 -21.83 -2.43 21.35
CA VAL D 53 -21.65 -2.70 22.76
C VAL D 53 -23.04 -2.98 23.28
N SER D 54 -23.29 -4.26 23.50
CA SER D 54 -24.60 -4.80 23.74
C SER D 54 -25.33 -4.12 24.92
N GLU D 55 -24.69 -4.14 26.09
CA GLU D 55 -25.25 -3.61 27.33
C GLU D 55 -25.59 -2.12 27.26
N LEU D 56 -24.96 -1.41 26.35
CA LEU D 56 -25.06 0.04 26.28
C LEU D 56 -25.79 0.56 25.04
N GLN D 57 -26.24 -0.39 24.20
CA GLN D 57 -27.04 -0.10 23.01
C GLN D 57 -26.38 0.99 22.17
N MET D 58 -25.12 0.78 21.85
CA MET D 58 -24.41 1.74 20.99
C MET D 58 -23.41 1.00 20.11
N GLU D 59 -22.80 1.73 19.19
CA GLU D 59 -21.90 1.12 18.24
C GLU D 59 -20.78 2.04 17.82
N ARG D 60 -19.72 1.45 17.31
CA ARG D 60 -18.55 2.20 16.93
C ARG D 60 -18.01 1.54 15.68
N ILE D 61 -17.67 2.35 14.69
CA ILE D 61 -16.88 1.91 13.56
C ILE D 61 -15.41 1.98 13.99
N PHE D 62 -14.69 0.88 13.85
CA PHE D 62 -13.27 0.81 14.18
C PHE D 62 -12.50 1.68 13.23
N GLU D 63 -11.45 2.35 13.72
CA GLU D 63 -10.45 2.90 12.82
C GLU D 63 -9.63 1.73 12.32
N ASP D 64 -9.21 1.87 11.08
CA ASP D 64 -8.58 0.83 10.31
C ASP D 64 -7.18 0.45 10.76
N HIS D 65 -6.56 1.32 11.53
CA HIS D 65 -5.23 1.08 12.06
C HIS D 65 -5.27 0.28 13.34
N GLU D 66 -6.47 0.04 13.87
CA GLU D 66 -6.61 -0.54 15.20
C GLU D 66 -6.38 -2.05 15.17
N ASN D 67 -5.75 -2.55 16.23
CA ASN D 67 -5.55 -3.96 16.38
C ASN D 67 -6.86 -4.58 16.85
N LEU D 68 -7.41 -5.48 16.02
CA LEU D 68 -8.69 -6.10 16.33
C LEU D 68 -8.67 -7.01 17.56
N VAL D 69 -7.68 -7.89 17.64
CA VAL D 69 -7.64 -8.85 18.71
C VAL D 69 -7.57 -8.10 20.03
N GLU D 70 -6.67 -7.13 20.10
CA GLU D 70 -6.52 -6.31 21.30
C GLU D 70 -7.79 -5.56 21.71
N ASN D 71 -8.59 -5.14 20.74
CA ASN D 71 -9.83 -4.51 21.09
C ASN D 71 -10.81 -5.53 21.59
N LEU D 72 -10.72 -6.75 21.06
CA LEU D 72 -11.67 -7.81 21.40
C LEU D 72 -11.48 -8.22 22.83
N LEU D 73 -10.23 -8.40 23.22
CA LEU D 73 -9.88 -8.60 24.60
C LEU D 73 -10.66 -7.76 25.61
N ASN D 74 -11.04 -6.53 25.23
CA ASN D 74 -11.82 -5.65 26.08
C ASN D 74 -13.24 -6.08 26.32
N TRP D 75 -13.74 -6.98 25.47
CA TRP D 75 -15.10 -7.55 25.61
C TRP D 75 -15.07 -8.43 26.81
N THR D 76 -16.22 -8.68 27.43
CA THR D 76 -16.32 -9.63 28.54
C THR D 76 -16.42 -11.03 27.97
N ARG D 77 -16.15 -12.04 28.79
CA ARG D 77 -15.99 -13.38 28.25
C ARG D 77 -17.28 -13.94 27.63
N ASP D 78 -18.41 -13.59 28.24
CA ASP D 78 -19.74 -13.95 27.75
C ASP D 78 -20.44 -12.77 27.04
N SER D 79 -19.67 -11.91 26.37
CA SER D 79 -20.21 -10.69 25.75
C SER D 79 -21.27 -10.97 24.70
N GLN D 80 -22.24 -10.07 24.60
CA GLN D 80 -23.24 -10.11 23.54
C GLN D 80 -22.92 -9.13 22.39
N ASN D 81 -21.81 -8.40 22.49
CA ASN D 81 -21.38 -7.49 21.40
C ASN D 81 -21.29 -8.21 20.06
N LYS D 82 -21.53 -7.47 18.99
CA LYS D 82 -21.45 -8.03 17.67
C LYS D 82 -20.38 -7.32 16.88
N LEU D 83 -19.78 -8.06 15.97
CA LEU D 83 -18.97 -7.51 14.94
C LEU D 83 -19.87 -7.51 13.72
N ILE D 84 -19.81 -6.40 12.98
CA ILE D 84 -20.59 -6.25 11.76
C ILE D 84 -19.72 -5.69 10.63
N PHE D 85 -19.82 -6.35 9.48
CA PHE D 85 -19.14 -5.99 8.25
C PHE D 85 -20.16 -5.36 7.32
N MET D 86 -20.04 -4.04 7.13
CA MET D 86 -20.99 -3.26 6.32
C MET D 86 -20.33 -1.99 5.78
N GLU D 87 -20.88 -1.46 4.69
CA GLU D 87 -20.43 -0.20 4.14
C GLU D 87 -20.86 0.92 5.05
N ARG D 88 -19.91 1.72 5.50
CA ARG D 88 -20.24 2.94 6.27
C ARG D 88 -19.55 4.15 5.61
N ILE D 89 -20.32 4.94 4.90
CA ILE D 89 -19.77 6.16 4.29
C ILE D 89 -19.29 7.15 5.36
N GLU D 90 -19.92 7.14 6.53
CA GLU D 90 -19.49 7.98 7.64
C GLU D 90 -17.97 7.95 7.81
N LYS D 91 -17.36 6.76 7.69
CA LYS D 91 -15.97 6.58 8.12
C LYS D 91 -15.02 7.56 7.46
N TYR D 92 -15.17 7.77 6.15
CA TYR D 92 -14.26 8.62 5.39
C TYR D 92 -14.90 9.85 4.74
N ALA D 93 -16.14 10.15 5.15
CA ALA D 93 -16.82 11.33 4.63
C ALA D 93 -15.85 12.53 4.61
N LEU D 94 -15.18 12.78 5.73
CA LEU D 94 -14.34 13.97 5.87
C LEU D 94 -13.20 14.10 4.85
N PHE D 95 -12.64 12.99 4.39
CA PHE D 95 -11.62 13.05 3.34
C PHE D 95 -12.17 13.28 1.94
N LYS D 96 -13.41 12.81 1.68
CA LYS D 96 -14.05 13.05 0.40
C LYS D 96 -14.50 14.53 0.34
N ASN D 97 -14.95 15.08 1.47
CA ASN D 97 -15.42 16.46 1.50
C ASN D 97 -14.90 17.31 2.67
N PRO D 98 -13.56 17.51 2.72
CA PRO D 98 -12.95 18.22 3.84
C PRO D 98 -13.58 19.59 4.06
N GLN D 99 -13.95 20.26 2.97
CA GLN D 99 -14.49 21.61 3.01
C GLN D 99 -15.74 21.65 3.89
N ASN D 100 -16.36 20.48 4.06
CA ASN D 100 -17.57 20.39 4.88
C ASN D 100 -17.31 19.90 6.32
N TYR D 101 -16.04 19.70 6.66
CA TYR D 101 -15.70 19.23 7.99
C TYR D 101 -14.64 20.09 8.65
N LEU D 102 -13.49 20.23 7.99
CA LEU D 102 -12.34 20.94 8.55
C LEU D 102 -12.54 22.43 8.76
N LEU D 103 -13.65 22.97 8.25
CA LEU D 103 -14.04 24.36 8.47
C LEU D 103 -15.27 24.30 9.34
N GLY D 104 -15.47 25.32 10.15
CA GLY D 104 -16.42 25.25 11.24
C GLY D 104 -17.88 25.36 10.85
N LYS D 105 -18.13 26.00 9.71
CA LYS D 105 -19.48 26.40 9.28
C LYS D 105 -20.52 25.29 9.05
N LYS D 106 -21.78 25.63 9.30
CA LYS D 106 -22.85 24.69 9.32
C LYS D 106 -23.21 24.15 7.93
N GLU D 107 -23.41 25.05 6.96
CA GLU D 107 -23.82 24.67 5.59
C GLU D 107 -22.77 23.81 4.89
N THR D 108 -23.24 22.91 4.01
CA THR D 108 -22.30 22.16 3.21
C THR D 108 -22.02 22.92 1.91
N ALA D 109 -20.89 22.61 1.27
CA ALA D 109 -20.49 23.29 0.04
C ALA D 109 -19.63 22.40 -0.84
N GLU D 110 -19.50 22.78 -2.10
CA GLU D 110 -18.54 22.18 -3.05
C GLU D 110 -17.10 22.71 -2.86
N MET D 111 -16.13 21.94 -3.35
CA MET D 111 -14.74 22.41 -3.44
C MET D 111 -14.01 21.74 -4.59
N ALA D 112 -13.24 22.54 -5.34
CA ALA D 112 -12.41 22.03 -6.44
C ALA D 112 -11.34 21.08 -5.91
N ASP D 113 -11.18 19.91 -6.54
CA ASP D 113 -10.34 18.83 -5.99
C ASP D 113 -8.94 19.24 -5.48
N ARG D 114 -8.22 20.03 -6.27
CA ARG D 114 -6.87 20.44 -5.90
C ARG D 114 -6.87 21.19 -4.56
N ASN D 115 -8.02 21.79 -4.22
CA ASN D 115 -8.19 22.50 -2.94
C ASN D 115 -8.68 21.59 -1.83
N LYS D 116 -9.27 20.46 -2.20
CA LYS D 116 -9.60 19.43 -1.23
C LYS D 116 -8.30 18.92 -0.61
N GLU D 117 -7.37 18.53 -1.48
CA GLU D 117 -6.06 18.01 -1.06
C GLU D 117 -5.31 19.01 -0.17
N VAL D 118 -5.16 20.26 -0.63
CA VAL D 118 -4.56 21.32 0.18
C VAL D 118 -5.16 21.34 1.58
N LEU D 119 -6.47 21.34 1.67
CA LEU D 119 -7.12 21.52 2.94
C LEU D 119 -6.68 20.37 3.85
N LEU D 120 -6.58 19.18 3.27
CA LEU D 120 -6.16 18.00 4.01
C LEU D 120 -4.68 18.04 4.43
N GLU D 121 -3.80 18.56 3.58
CA GLU D 121 -2.39 18.71 3.95
C GLU D 121 -2.25 19.66 5.13
N GLU D 122 -2.95 20.80 5.10
CA GLU D 122 -2.87 21.81 6.16
C GLU D 122 -3.31 21.29 7.53
N CYS D 123 -4.27 20.38 7.54
CA CYS D 123 -4.85 19.93 8.79
C CYS D 123 -4.03 18.85 9.46
N PHE D 124 -3.52 17.93 8.64
CA PHE D 124 -2.92 16.69 9.13
C PHE D 124 -1.41 16.64 9.04
N CYS D 125 -0.85 17.28 8.01
CA CYS D 125 0.55 17.09 7.67
C CYS D 125 1.50 18.16 8.21
N GLY D 126 1.05 18.94 9.19
CA GLY D 126 1.95 19.84 9.93
C GLY D 126 2.68 19.05 11.00
N SER D 127 3.43 19.74 11.85
CA SER D 127 4.12 19.06 12.96
C SER D 127 3.09 18.50 13.95
N SER D 128 2.03 19.27 14.17
CA SER D 128 0.87 18.79 14.93
C SER D 128 -0.41 18.97 14.13
N VAL D 129 -1.39 18.14 14.44
CA VAL D 129 -2.70 18.27 13.83
C VAL D 129 -3.31 19.66 14.14
N THR D 130 -3.69 20.33 13.07
CA THR D 130 -4.47 21.56 13.16
C THR D 130 -5.90 21.12 13.33
N VAL D 131 -6.42 21.23 14.56
CA VAL D 131 -7.78 20.75 14.84
C VAL D 131 -8.79 21.84 14.55
N PRO D 132 -9.77 21.52 13.69
CA PRO D 132 -10.83 22.44 13.31
C PRO D 132 -11.51 23.10 14.51
N GLU D 133 -11.74 24.40 14.37
CA GLU D 133 -12.59 25.11 15.30
C GLU D 133 -14.05 24.71 15.09
N ILE D 134 -14.42 23.61 15.75
CA ILE D 134 -15.80 23.18 15.83
C ILE D 134 -16.30 23.67 17.19
N GLU D 135 -17.50 24.25 17.19
CA GLU D 135 -18.11 24.80 18.39
C GLU D 135 -19.61 24.98 18.31
N GLY D 136 -20.27 24.89 19.46
CA GLY D 136 -21.69 25.21 19.55
C GLY D 136 -22.30 24.57 20.78
N VAL D 137 -23.62 24.67 20.85
CA VAL D 137 -24.44 24.19 21.96
C VAL D 137 -24.90 22.75 21.70
N LEU D 138 -24.52 21.84 22.59
CA LEU D 138 -25.03 20.47 22.57
C LEU D 138 -25.80 20.22 23.85
N TRP D 139 -26.65 19.18 23.83
CA TRP D 139 -27.34 18.74 25.03
C TRP D 139 -26.40 17.85 25.72
N LEU D 140 -26.49 17.78 27.04
CA LEU D 140 -25.69 16.85 27.84
C LEU D 140 -26.64 16.05 28.75
N LYS D 141 -26.41 14.75 28.93
CA LYS D 141 -27.23 13.99 29.86
C LYS D 141 -26.63 14.12 31.24
N ASP D 142 -27.49 14.07 32.25
CA ASP D 142 -27.07 14.04 33.65
C ASP D 142 -26.72 12.60 34.07
N ASP D 143 -25.94 12.46 35.14
CA ASP D 143 -25.53 11.15 35.64
C ASP D 143 -26.67 10.42 36.30
N GLY D 144 -26.85 9.16 35.92
CA GLY D 144 -27.93 8.32 36.45
C GLY D 144 -29.31 8.73 35.96
N LYS D 145 -29.53 10.04 35.82
CA LYS D 145 -30.86 10.59 35.50
C LYS D 145 -31.18 10.70 33.99
N LYS D 146 -32.44 10.40 33.66
CA LYS D 146 -32.95 10.50 32.29
C LYS D 146 -33.30 11.94 31.93
N SER D 147 -32.38 12.86 32.25
CA SER D 147 -32.58 14.29 32.07
C SER D 147 -31.40 14.88 31.33
N TRP D 148 -31.58 16.08 30.74
CA TRP D 148 -30.59 16.63 29.78
C TRP D 148 -30.51 18.15 29.81
N LYS D 149 -29.34 18.70 30.14
CA LYS D 149 -29.15 20.16 30.06
C LYS D 149 -28.26 20.51 28.88
N LYS D 150 -28.42 21.73 28.36
CA LYS D 150 -27.54 22.26 27.31
C LYS D 150 -26.12 22.58 27.81
N ARG D 151 -25.22 22.90 26.88
CA ARG D 151 -23.89 23.39 27.22
C ARG D 151 -23.14 23.86 25.96
N TYR D 152 -22.40 24.96 26.09
CA TYR D 152 -21.62 25.45 24.95
C TYR D 152 -20.28 24.76 24.94
N PHE D 153 -20.14 23.85 23.98
CA PHE D 153 -18.94 23.05 23.78
C PHE D 153 -18.06 23.65 22.67
N LEU D 154 -16.74 23.52 22.85
CA LEU D 154 -15.72 23.86 21.85
C LEU D 154 -14.74 22.71 21.70
N LEU D 155 -14.43 22.38 20.45
CA LEU D 155 -13.36 21.44 20.21
C LEU D 155 -12.03 22.17 19.97
N ARG D 156 -11.01 21.72 20.69
CA ARG D 156 -9.62 22.21 20.59
C ARG D 156 -8.72 21.03 20.26
N ALA D 157 -7.40 21.22 20.27
CA ALA D 157 -6.44 20.12 20.07
C ALA D 157 -6.42 19.18 21.27
N SER D 158 -6.52 19.77 22.46
CA SER D 158 -6.28 19.08 23.72
C SER D 158 -7.53 18.49 24.36
N GLY D 159 -8.63 18.44 23.59
CA GLY D 159 -9.89 17.92 24.09
C GLY D 159 -11.06 18.86 23.87
N ILE D 160 -12.27 18.38 24.20
CA ILE D 160 -13.53 19.17 24.14
C ILE D 160 -13.67 19.97 25.43
N TYR D 161 -14.30 21.15 25.33
CA TYR D 161 -14.39 22.10 26.47
C TYR D 161 -15.86 22.45 26.81
N TYR D 162 -16.11 23.04 28.01
CA TYR D 162 -17.46 23.30 28.60
C TYR D 162 -17.48 23.99 29.99
N VAL D 163 -18.67 24.39 30.48
CA VAL D 163 -18.84 25.00 31.83
C VAL D 163 -20.21 24.67 32.49
N PRO D 164 -20.24 23.76 33.50
CA PRO D 164 -21.50 23.34 34.11
C PRO D 164 -22.09 24.36 35.08
N VAL D 175 -13.62 25.91 30.48
CA VAL D 175 -13.25 24.86 31.42
C VAL D 175 -13.02 23.61 30.56
N CYS D 176 -12.06 22.76 30.90
CA CYS D 176 -11.87 21.53 30.10
C CYS D 176 -12.90 20.45 30.42
N PHE D 177 -13.68 20.07 29.39
CA PHE D 177 -14.71 19.03 29.54
C PHE D 177 -14.20 17.60 29.46
N LEU D 178 -13.58 17.20 28.36
CA LEU D 178 -12.91 15.91 28.35
C LEU D 178 -11.71 15.84 27.44
N GLN D 179 -10.67 15.16 27.93
CA GLN D 179 -9.47 14.77 27.16
C GLN D 179 -9.70 13.44 26.45
N LEU D 180 -9.20 13.33 25.22
CA LEU D 180 -9.69 12.30 24.32
C LEU D 180 -8.83 11.05 24.13
N ASP D 181 -7.64 10.97 24.74
CA ASP D 181 -6.78 9.81 24.46
C ASP D 181 -7.13 8.46 25.12
N HIS D 182 -8.07 8.45 26.07
CA HIS D 182 -8.50 7.18 26.66
C HIS D 182 -9.97 6.92 26.56
N VAL D 183 -10.65 7.70 25.71
CA VAL D 183 -12.07 7.41 25.39
C VAL D 183 -12.25 7.17 23.92
N ASN D 184 -13.12 6.21 23.59
CA ASN D 184 -13.62 6.06 22.22
C ASN D 184 -14.96 6.85 22.08
N VAL D 185 -15.36 7.14 20.84
CA VAL D 185 -16.64 7.77 20.55
C VAL D 185 -17.52 6.71 19.86
N TYR D 186 -18.79 6.66 20.24
CA TYR D 186 -19.77 5.69 19.74
C TYR D 186 -21.06 6.43 19.42
N TYR D 187 -21.87 5.89 18.51
CA TYR D 187 -23.25 6.37 18.31
C TYR D 187 -24.20 5.55 19.15
N GLY D 188 -25.04 6.23 19.93
CA GLY D 188 -26.16 5.56 20.61
C GLY D 188 -27.30 5.24 19.68
N GLN D 189 -27.97 4.12 19.92
CA GLN D 189 -29.15 3.72 19.14
C GLN D 189 -30.38 3.98 19.95
N ASP D 190 -31.39 4.59 19.34
CA ASP D 190 -32.71 4.68 19.96
C ASP D 190 -32.68 5.29 21.38
N TYR D 191 -31.94 6.39 21.51
CA TYR D 191 -31.78 7.09 22.79
C TYR D 191 -32.97 7.98 23.19
N ARG D 192 -33.91 8.15 22.28
CA ARG D 192 -35.20 8.75 22.61
C ARG D 192 -35.95 7.84 23.59
N ASN D 193 -35.93 6.54 23.33
CA ASN D 193 -36.56 5.56 24.21
C ASN D 193 -35.79 5.25 25.50
N LYS D 194 -34.48 4.97 25.40
CA LYS D 194 -33.75 4.48 26.58
C LYS D 194 -33.43 5.57 27.59
N TYR D 195 -33.30 6.81 27.12
CA TYR D 195 -32.81 7.88 27.99
C TYR D 195 -33.54 9.21 27.81
N LYS D 196 -34.71 9.18 27.18
CA LYS D 196 -35.50 10.39 26.90
C LYS D 196 -34.64 11.51 26.28
N ALA D 197 -33.81 11.18 25.30
CA ALA D 197 -32.95 12.18 24.68
C ALA D 197 -33.78 13.09 23.79
N PRO D 198 -33.42 14.39 23.72
CA PRO D 198 -34.22 15.34 22.92
C PRO D 198 -34.33 14.94 21.44
N THR D 199 -33.25 14.41 20.87
CA THR D 199 -33.21 13.84 19.52
C THR D 199 -32.53 12.46 19.57
N ASP D 200 -32.57 11.73 18.46
CA ASP D 200 -31.79 10.49 18.34
C ASP D 200 -30.38 10.70 17.85
N TYR D 201 -29.97 11.94 17.64
CA TYR D 201 -28.63 12.17 17.12
C TYR D 201 -27.65 12.28 18.29
N CYS D 202 -27.25 11.10 18.79
CA CYS D 202 -26.48 11.01 20.01
C CYS D 202 -25.07 10.48 19.79
N LEU D 203 -24.11 11.00 20.54
CA LEU D 203 -22.79 10.40 20.59
C LEU D 203 -22.35 10.14 22.01
N VAL D 204 -21.50 9.14 22.17
CA VAL D 204 -21.15 8.62 23.47
C VAL D 204 -19.63 8.51 23.62
N LEU D 205 -19.15 8.97 24.75
CA LEU D 205 -17.72 8.90 25.06
C LEU D 205 -17.51 8.00 26.28
N LYS D 206 -16.69 6.96 26.11
CA LYS D 206 -16.32 6.05 27.21
C LYS D 206 -15.01 5.28 26.94
N HIS D 207 -14.35 4.87 28.04
CA HIS D 207 -13.19 3.99 27.99
C HIS D 207 -13.46 2.67 27.30
N PRO D 208 -12.50 2.19 26.47
CA PRO D 208 -12.66 0.93 25.76
C PRO D 208 -13.15 -0.19 26.67
N GLN D 209 -12.72 -0.18 27.92
CA GLN D 209 -12.94 -1.33 28.80
C GLN D 209 -14.24 -1.29 29.61
N ILE D 210 -15.02 -0.23 29.44
CA ILE D 210 -16.31 -0.20 30.11
C ILE D 210 -17.35 -0.90 29.23
N GLN D 211 -17.86 -2.02 29.75
CA GLN D 211 -18.71 -2.93 28.99
C GLN D 211 -20.14 -3.07 29.54
N LYS D 212 -20.35 -2.65 30.79
CA LYS D 212 -21.68 -2.65 31.42
C LYS D 212 -22.11 -1.24 31.82
N LYS D 213 -23.21 -1.19 32.56
CA LYS D 213 -23.77 0.06 33.03
C LYS D 213 -22.76 0.79 33.91
N SER D 214 -22.47 2.04 33.54
CA SER D 214 -21.49 2.82 34.25
C SER D 214 -21.92 4.26 34.34
N GLN D 215 -21.55 4.89 35.45
CA GLN D 215 -21.70 6.33 35.58
C GLN D 215 -20.51 7.06 34.91
N TYR D 216 -19.48 6.31 34.50
CA TYR D 216 -18.30 6.88 33.82
C TYR D 216 -18.48 6.95 32.29
N ILE D 217 -19.69 7.24 31.82
CA ILE D 217 -19.93 7.42 30.40
C ILE D 217 -20.55 8.80 30.16
N LYS D 218 -19.94 9.60 29.29
CA LYS D 218 -20.55 10.84 28.82
C LYS D 218 -21.56 10.56 27.67
N TYR D 219 -22.67 11.30 27.70
CA TYR D 219 -23.78 11.13 26.73
C TYR D 219 -24.13 12.51 26.20
N LEU D 220 -24.07 12.67 24.89
CA LEU D 220 -24.36 13.95 24.27
C LEU D 220 -25.41 13.77 23.19
N CYS D 221 -26.24 14.79 22.98
CA CYS D 221 -27.26 14.76 21.95
C CYS D 221 -27.13 16.01 21.08
N CYS D 222 -27.26 15.84 19.76
CA CYS D 222 -27.24 16.98 18.82
C CYS D 222 -28.62 17.29 18.25
N ASP D 223 -28.87 18.56 17.97
CA ASP D 223 -30.13 19.00 17.36
C ASP D 223 -30.40 18.42 15.95
N ASP D 224 -29.35 18.03 15.24
CA ASP D 224 -29.51 17.42 13.91
C ASP D 224 -28.31 16.54 13.55
N VAL D 225 -28.51 15.69 12.54
CA VAL D 225 -27.50 14.74 12.11
C VAL D 225 -26.20 15.43 11.63
N ARG D 226 -26.34 16.64 11.07
CA ARG D 226 -25.24 17.43 10.55
C ARG D 226 -24.33 17.85 11.69
N THR D 227 -24.94 18.30 12.79
CA THR D 227 -24.17 18.68 13.99
C THR D 227 -23.43 17.46 14.50
N LEU D 228 -24.14 16.34 14.56
CA LEU D 228 -23.57 15.08 15.02
C LEU D 228 -22.31 14.76 14.21
N HIS D 229 -22.47 14.68 12.89
CA HIS D 229 -21.35 14.44 11.96
C HIS D 229 -20.20 15.38 12.09
N GLN D 230 -20.51 16.64 12.39
CA GLN D 230 -19.48 17.63 12.64
C GLN D 230 -18.69 17.30 13.90
N TRP D 231 -19.39 16.91 14.98
CA TRP D 231 -18.70 16.63 16.25
C TRP D 231 -17.85 15.41 16.22
N VAL D 232 -18.47 14.28 15.84
CA VAL D 232 -17.80 13.00 15.81
C VAL D 232 -16.55 13.07 14.93
N ASN D 233 -16.68 13.64 13.73
CA ASN D 233 -15.55 13.81 12.81
C ASN D 233 -14.48 14.72 13.40
N GLY D 234 -14.92 15.83 14.00
CA GLY D 234 -14.02 16.71 14.78
C GLY D 234 -13.31 15.96 15.91
N ILE D 235 -14.06 15.15 16.66
CA ILE D 235 -13.47 14.38 17.76
C ILE D 235 -12.45 13.38 17.24
N ARG D 236 -12.79 12.70 16.16
CA ARG D 236 -11.88 11.71 15.56
C ARG D 236 -10.55 12.34 15.08
N ILE D 237 -10.64 13.49 14.42
CA ILE D 237 -9.49 14.30 14.07
C ILE D 237 -8.67 14.58 15.32
N ALA D 238 -9.32 15.12 16.34
CA ALA D 238 -8.62 15.46 17.58
C ALA D 238 -7.98 14.26 18.25
N LYS D 239 -8.60 13.10 18.18
CA LYS D 239 -8.08 11.92 18.89
C LYS D 239 -6.98 11.16 18.12
N TYR D 240 -7.24 10.85 16.86
CA TYR D 240 -6.36 9.99 16.10
C TYR D 240 -5.34 10.74 15.20
N GLY D 241 -5.57 12.04 15.03
CA GLY D 241 -4.68 12.88 14.27
C GLY D 241 -4.28 12.39 12.89
N LYS D 242 -3.00 12.61 12.57
CA LYS D 242 -2.45 12.24 11.27
C LYS D 242 -2.81 10.80 10.88
N GLN D 243 -2.83 9.89 11.86
CA GLN D 243 -3.17 8.50 11.61
C GLN D 243 -4.43 8.30 10.77
N LEU D 244 -5.49 9.07 11.08
CA LEU D 244 -6.72 9.05 10.30
C LEU D 244 -6.45 9.23 8.83
N TYR D 245 -5.59 10.21 8.51
CA TYR D 245 -5.23 10.51 7.14
C TYR D 245 -4.42 9.43 6.49
N MET D 246 -3.48 8.86 7.26
CA MET D 246 -2.76 7.67 6.79
C MET D 246 -3.75 6.53 6.49
N ASN D 247 -4.77 6.36 7.35
CA ASN D 247 -5.79 5.31 7.14
C ASN D 247 -6.50 5.51 5.81
N TYR D 248 -6.92 6.75 5.56
CA TYR D 248 -7.58 7.11 4.32
C TYR D 248 -6.77 6.77 3.07
N GLN D 249 -5.52 7.21 3.00
CA GLN D 249 -4.71 6.98 1.83
C GLN D 249 -4.35 5.51 1.63
N GLU D 250 -4.17 4.79 2.73
CA GLU D 250 -3.94 3.38 2.67
C GLU D 250 -5.16 2.72 2.02
N ALA D 251 -6.35 3.25 2.28
CA ALA D 251 -7.60 2.66 1.76
C ALA D 251 -7.92 2.95 0.26
N LEU D 252 -7.58 4.15 -0.23
CA LEU D 252 -8.13 4.68 -1.48
C LEU D 252 -7.74 3.87 -2.71
#